data_6UGV
#
_entry.id   6UGV
#
_cell.length_a   90.660
_cell.length_b   93.300
_cell.length_c   315.660
_cell.angle_alpha   90.000
_cell.angle_beta   90.000
_cell.angle_gamma   90.000
#
_symmetry.space_group_name_H-M   'I 21 21 21'
#
loop_
_entity.id
_entity.type
_entity.pdbx_description
1 polymer 'Infliximab Fab Heavy Chain'
2 polymer 'Infliximab Fab Light Chain'
3 non-polymer MESO-ERYTHRITOL
4 non-polymer 1,2-ETHANEDIOL
5 water water
#
loop_
_entity_poly.entity_id
_entity_poly.type
_entity_poly.pdbx_seq_one_letter_code
_entity_poly.pdbx_strand_id
1 'polypeptide(L)'
;EVKLEESGGGLVQPGGSMKLSCVASGFIFSNHWMNWVRQSPEKGLEWVAEIRSKSINSATHYAESVKGRFTISRDDSKSA
VYLQMTDLRTEDTGVYYCSRNYYGSTYDYWGQGTTLTVSSASTKGPSVFPLAPSSKSTSGGTAALGCLVKDYFPEPVTVS
WNSGALTSGVHTFPAVLQSSGLYSLSSVVTVPSSSLGTQTYICNVNHKPSNTKVDKKVEPKSCDKT
;
H,A
2 'polypeptide(L)'
;DILLTQSPAILSVSPGERVSFSCRASQFVGSSIHWYQQRTNGSPRLLIKYASESMSGIPSRFSGSGSGTDFTLSINTVES
EDIADYYCQQSHSWPFTFGSGTNLEVKRTVAAPSVFIFPPSDEQLKSGTASVVCLLNNFYPREAKVQWKVDNALQSGNSQ
ESVTEQDSKDSTYSLSSTLTLSKADYEKHKVYACEVTHQGLSSPVTKSFNRGEC
;
L,B
#
loop_
_chem_comp.id
_chem_comp.type
_chem_comp.name
_chem_comp.formula
EDO non-polymer 1,2-ETHANEDIOL 'C2 H6 O2'
MRY non-polymer MESO-ERYTHRITOL 'C4 H10 O4'
#
# COMPACT_ATOMS: atom_id res chain seq x y z
N GLU A 1 9.21 -38.03 5.26
CA GLU A 1 9.06 -36.62 4.88
C GLU A 1 8.11 -36.47 3.69
N VAL A 2 6.99 -35.80 3.91
CA VAL A 2 6.14 -35.41 2.79
C VAL A 2 6.83 -34.30 2.01
N LYS A 3 6.81 -34.41 0.68
CA LYS A 3 7.31 -33.37 -0.20
C LYS A 3 6.31 -33.18 -1.34
N LEU A 4 6.02 -31.92 -1.66
CA LEU A 4 5.24 -31.53 -2.83
C LEU A 4 6.09 -30.57 -3.64
N GLU A 5 6.14 -30.77 -4.95
CA GLU A 5 7.03 -29.97 -5.81
C GLU A 5 6.28 -29.54 -7.06
N GLU A 6 5.94 -28.26 -7.14
CA GLU A 6 5.25 -27.69 -8.28
C GLU A 6 6.26 -27.31 -9.37
N SER A 7 5.74 -27.23 -10.59
CA SER A 7 6.51 -26.69 -11.70
C SER A 7 5.53 -26.27 -12.79
N GLY A 8 6.05 -25.54 -13.78
CA GLY A 8 5.28 -25.16 -14.94
C GLY A 8 4.83 -23.71 -14.99
N GLY A 9 5.09 -22.93 -13.95
CA GLY A 9 4.67 -21.55 -13.97
C GLY A 9 5.44 -20.74 -15.01
N GLY A 10 4.99 -19.52 -15.24
CA GLY A 10 5.69 -18.67 -16.18
C GLY A 10 4.78 -17.57 -16.70
N LEU A 11 5.16 -17.05 -17.86
CA LEU A 11 4.46 -15.96 -18.50
C LEU A 11 3.50 -16.50 -19.55
N VAL A 12 2.30 -15.94 -19.59
CA VAL A 12 1.31 -16.32 -20.61
C VAL A 12 0.49 -15.08 -20.96
N GLN A 13 0.17 -14.94 -22.25
CA GLN A 13 -0.67 -13.85 -22.72
CA GLN A 13 -0.66 -13.83 -22.71
C GLN A 13 -2.08 -13.98 -22.17
N PRO A 14 -2.80 -12.86 -22.00
CA PRO A 14 -4.21 -12.96 -21.60
C PRO A 14 -4.98 -13.81 -22.60
N GLY A 15 -5.91 -14.62 -22.08
CA GLY A 15 -6.62 -15.56 -22.93
C GLY A 15 -5.87 -16.84 -23.22
N GLY A 16 -4.61 -16.96 -22.77
CA GLY A 16 -3.78 -18.10 -23.11
C GLY A 16 -3.98 -19.25 -22.15
N SER A 17 -3.15 -20.28 -22.36
CA SER A 17 -3.22 -21.52 -21.61
C SER A 17 -1.86 -21.83 -20.99
N MET A 18 -1.90 -22.63 -19.93
CA MET A 18 -0.72 -23.06 -19.20
C MET A 18 -1.11 -24.20 -18.26
N LYS A 19 -0.23 -25.19 -18.14
CA LYS A 19 -0.47 -26.37 -17.31
C LYS A 19 0.57 -26.44 -16.20
N LEU A 20 0.11 -26.44 -14.96
CA LEU A 20 0.99 -26.64 -13.82
C LEU A 20 1.02 -28.11 -13.42
N SER A 21 2.16 -28.54 -12.85
CA SER A 21 2.32 -29.91 -12.39
C SER A 21 2.80 -29.92 -10.96
N CYS A 22 2.47 -30.99 -10.25
CA CYS A 22 3.00 -31.19 -8.91
C CYS A 22 3.23 -32.68 -8.70
N VAL A 23 4.40 -33.02 -8.18
CA VAL A 23 4.78 -34.40 -7.88
C VAL A 23 4.88 -34.52 -6.36
N ALA A 24 4.23 -35.54 -5.80
CA ALA A 24 4.15 -35.77 -4.37
C ALA A 24 4.94 -37.01 -3.97
N SER A 25 5.47 -37.00 -2.75
CA SER A 25 6.09 -38.18 -2.17
C SER A 25 5.90 -38.13 -0.65
N GLY A 26 6.06 -39.29 -0.02
CA GLY A 26 6.02 -39.36 1.43
C GLY A 26 4.66 -39.71 2.01
N PHE A 27 3.65 -39.92 1.19
CA PHE A 27 2.37 -40.45 1.67
C PHE A 27 1.77 -41.31 0.56
N ILE A 28 0.69 -42.03 0.88
CA ILE A 28 0.04 -42.87 -0.14
C ILE A 28 -0.80 -41.95 -1.01
N PHE A 29 -0.25 -41.55 -2.17
CA PHE A 29 -0.83 -40.50 -2.99
C PHE A 29 -2.27 -40.80 -3.39
N SER A 30 -2.52 -42.01 -3.92
CA SER A 30 -3.83 -42.34 -4.46
C SER A 30 -4.96 -42.32 -3.42
N ASN A 31 -4.66 -42.26 -2.12
CA ASN A 31 -5.72 -42.17 -1.12
C ASN A 31 -6.13 -40.75 -0.77
N HIS A 32 -5.41 -39.72 -1.23
CA HIS A 32 -5.55 -38.39 -0.67
C HIS A 32 -6.00 -37.35 -1.71
N TRP A 33 -6.55 -36.26 -1.20
CA TRP A 33 -7.13 -35.21 -2.02
C TRP A 33 -6.11 -34.11 -2.30
N MET A 34 -5.84 -33.87 -3.56
CA MET A 34 -4.83 -32.89 -3.96
C MET A 34 -5.50 -31.60 -4.40
N ASN A 35 -4.93 -30.47 -3.98
CA ASN A 35 -5.52 -29.16 -4.15
C ASN A 35 -4.52 -28.20 -4.77
N TRP A 36 -5.05 -27.20 -5.46
CA TRP A 36 -4.30 -26.00 -5.82
C TRP A 36 -4.87 -24.81 -5.06
N VAL A 37 -4.00 -24.05 -4.41
CA VAL A 37 -4.38 -22.85 -3.68
C VAL A 37 -3.46 -21.74 -4.17
N ARG A 38 -4.03 -20.61 -4.59
CA ARG A 38 -3.20 -19.55 -5.13
C ARG A 38 -3.12 -18.37 -4.17
N GLN A 39 -2.08 -17.57 -4.34
CA GLN A 39 -1.88 -16.42 -3.47
C GLN A 39 -1.49 -15.23 -4.31
N SER A 40 -2.08 -14.08 -3.99
CA SER A 40 -1.83 -12.84 -4.70
C SER A 40 -1.97 -11.69 -3.72
N PRO A 41 -1.32 -10.54 -3.99
CA PRO A 41 -1.45 -9.40 -3.06
C PRO A 41 -2.88 -8.92 -2.89
N GLU A 42 -3.68 -8.96 -3.95
CA GLU A 42 -5.05 -8.46 -3.93
C GLU A 42 -6.00 -9.40 -3.18
N LYS A 43 -5.96 -10.71 -3.47
CA LYS A 43 -6.96 -11.64 -2.98
C LYS A 43 -6.48 -12.50 -1.81
N GLY A 44 -5.20 -12.45 -1.44
CA GLY A 44 -4.73 -13.31 -0.37
C GLY A 44 -4.70 -14.76 -0.81
N LEU A 45 -4.91 -15.66 0.16
CA LEU A 45 -4.95 -17.09 -0.11
C LEU A 45 -6.34 -17.49 -0.57
N GLU A 46 -6.40 -18.22 -1.68
CA GLU A 46 -7.64 -18.50 -2.39
C GLU A 46 -7.59 -19.94 -2.89
N TRP A 47 -8.48 -20.79 -2.37
CA TRP A 47 -8.58 -22.15 -2.90
C TRP A 47 -9.02 -22.12 -4.36
N VAL A 48 -8.42 -22.97 -5.19
CA VAL A 48 -8.64 -22.97 -6.64
C VAL A 48 -9.38 -24.22 -7.10
N ALA A 49 -8.85 -25.40 -6.76
CA ALA A 49 -9.39 -26.63 -7.29
C ALA A 49 -8.96 -27.78 -6.39
N GLU A 50 -9.80 -28.83 -6.35
CA GLU A 50 -9.48 -30.06 -5.63
C GLU A 50 -9.84 -31.26 -6.51
N ILE A 51 -9.00 -32.29 -6.45
CA ILE A 51 -9.35 -33.57 -7.04
C ILE A 51 -9.24 -34.64 -5.96
N ARG A 52 -10.27 -35.44 -5.82
CA ARG A 52 -10.32 -36.42 -4.75
C ARG A 52 -9.91 -37.77 -5.30
N SER A 53 -10.10 -38.83 -4.51
CA SER A 53 -9.49 -40.10 -4.81
C SER A 53 -10.22 -40.82 -5.94
N LYS A 54 -9.49 -41.66 -6.66
CA LYS A 54 -10.10 -42.54 -7.64
C LYS A 54 -11.23 -43.36 -7.02
N SER A 55 -11.11 -43.71 -5.74
CA SER A 55 -12.14 -44.54 -5.12
C SER A 55 -13.50 -43.85 -5.09
N ILE A 56 -13.54 -42.52 -5.13
CA ILE A 56 -14.81 -41.81 -5.22
C ILE A 56 -14.87 -41.01 -6.51
N ASN A 57 -14.51 -41.66 -7.62
CA ASN A 57 -14.65 -41.14 -8.97
C ASN A 57 -13.72 -39.98 -9.29
N SER A 58 -12.63 -39.81 -8.55
CA SER A 58 -11.67 -38.73 -8.82
C SER A 58 -12.38 -37.38 -8.91
N ALA A 59 -13.37 -37.16 -8.02
CA ALA A 59 -14.26 -36.03 -8.16
C ALA A 59 -13.49 -34.71 -8.11
N THR A 60 -13.80 -33.82 -9.04
CA THR A 60 -13.14 -32.52 -9.16
C THR A 60 -14.09 -31.41 -8.73
N HIS A 61 -13.55 -30.43 -8.01
CA HIS A 61 -14.33 -29.29 -7.53
C HIS A 61 -13.51 -28.04 -7.76
N TYR A 62 -14.18 -26.98 -8.19
CA TYR A 62 -13.51 -25.74 -8.59
C TYR A 62 -14.10 -24.54 -7.88
N ALA A 63 -13.24 -23.59 -7.55
CA ALA A 63 -13.72 -22.31 -7.07
C ALA A 63 -14.54 -21.64 -8.15
N GLU A 64 -15.58 -20.93 -7.74
CA GLU A 64 -16.45 -20.29 -8.71
C GLU A 64 -15.67 -19.39 -9.68
N SER A 65 -14.58 -18.79 -9.23
CA SER A 65 -13.87 -17.82 -10.08
C SER A 65 -13.04 -18.47 -11.18
N VAL A 66 -12.81 -19.78 -11.15
CA VAL A 66 -12.12 -20.48 -12.23
C VAL A 66 -12.98 -21.54 -12.90
N LYS A 67 -14.22 -21.74 -12.46
CA LYS A 67 -15.07 -22.77 -13.04
C LYS A 67 -15.23 -22.57 -14.54
N GLY A 68 -15.13 -23.67 -15.29
CA GLY A 68 -15.20 -23.61 -16.73
C GLY A 68 -13.89 -23.30 -17.42
N ARG A 69 -12.92 -22.71 -16.73
CA ARG A 69 -11.65 -22.40 -17.37
C ARG A 69 -10.54 -23.36 -16.95
N PHE A 70 -10.54 -23.83 -15.72
CA PHE A 70 -9.48 -24.66 -15.18
C PHE A 70 -9.94 -26.10 -15.12
N THR A 71 -9.01 -27.03 -15.36
CA THR A 71 -9.27 -28.46 -15.19
C THR A 71 -8.16 -29.05 -14.35
N ILE A 72 -8.52 -29.68 -13.25
CA ILE A 72 -7.54 -30.36 -12.40
C ILE A 72 -7.60 -31.84 -12.73
N SER A 73 -6.45 -32.50 -12.72
CA SER A 73 -6.38 -33.94 -12.98
C SER A 73 -5.23 -34.53 -12.17
N ARG A 74 -5.17 -35.85 -12.14
CA ARG A 74 -4.16 -36.56 -11.37
C ARG A 74 -3.72 -37.79 -12.15
N ASP A 75 -2.48 -38.22 -11.89
CA ASP A 75 -1.95 -39.48 -12.42
C ASP A 75 -1.32 -40.21 -11.24
N ASP A 76 -2.01 -41.24 -10.74
CA ASP A 76 -1.55 -41.89 -9.52
C ASP A 76 -0.28 -42.72 -9.74
N SER A 77 -0.02 -43.18 -10.98
CA SER A 77 1.22 -43.89 -11.24
C SER A 77 2.44 -42.96 -11.15
N LYS A 78 2.25 -41.67 -11.35
CA LYS A 78 3.34 -40.70 -11.27
C LYS A 78 3.31 -39.88 -9.98
N SER A 79 2.34 -40.12 -9.11
CA SER A 79 2.09 -39.28 -7.94
C SER A 79 2.02 -37.80 -8.33
N ALA A 80 1.36 -37.53 -9.46
CA ALA A 80 1.29 -36.19 -10.01
C ALA A 80 -0.15 -35.67 -9.95
N VAL A 81 -0.28 -34.36 -9.69
CA VAL A 81 -1.52 -33.62 -9.86
C VAL A 81 -1.24 -32.46 -10.84
N TYR A 82 -2.21 -32.18 -11.71
CA TYR A 82 -2.02 -31.18 -12.75
C TYR A 82 -3.15 -30.17 -12.70
N LEU A 83 -2.83 -28.94 -13.14
CA LEU A 83 -3.82 -27.88 -13.29
C LEU A 83 -3.70 -27.30 -14.70
N GLN A 84 -4.67 -27.61 -15.55
CA GLN A 84 -4.73 -27.02 -16.89
C GLN A 84 -5.55 -25.74 -16.82
N MET A 85 -4.93 -24.62 -17.17
CA MET A 85 -5.59 -23.32 -17.09
C MET A 85 -5.76 -22.80 -18.51
N THR A 86 -6.95 -22.29 -18.81
CA THR A 86 -7.26 -21.74 -20.12
C THR A 86 -7.97 -20.42 -19.93
N ASP A 87 -8.10 -19.66 -21.01
CA ASP A 87 -8.70 -18.33 -20.98
C ASP A 87 -8.18 -17.54 -19.78
N LEU A 88 -6.87 -17.53 -19.62
CA LEU A 88 -6.29 -16.90 -18.46
C LEU A 88 -6.53 -15.39 -18.49
N ARG A 89 -6.70 -14.84 -17.29
CA ARG A 89 -6.95 -13.41 -17.13
C ARG A 89 -5.82 -12.81 -16.31
N THR A 90 -5.68 -11.49 -16.46
CA THR A 90 -4.77 -10.72 -15.63
C THR A 90 -4.92 -11.07 -14.15
N GLU A 91 -6.15 -11.15 -13.67
CA GLU A 91 -6.36 -11.38 -12.26
C GLU A 91 -6.00 -12.79 -11.81
N ASP A 92 -5.68 -13.71 -12.74
CA ASP A 92 -5.19 -15.03 -12.35
C ASP A 92 -3.72 -15.04 -11.96
N THR A 93 -3.00 -13.94 -12.19
CA THR A 93 -1.61 -13.81 -11.78
C THR A 93 -1.46 -14.12 -10.29
N GLY A 94 -0.40 -14.83 -9.94
CA GLY A 94 -0.17 -15.14 -8.55
C GLY A 94 0.77 -16.32 -8.38
N VAL A 95 0.97 -16.67 -7.13
CA VAL A 95 1.72 -17.87 -6.78
C VAL A 95 0.73 -19.01 -6.57
N TYR A 96 0.97 -20.13 -7.26
CA TYR A 96 0.09 -21.29 -7.23
C TYR A 96 0.76 -22.40 -6.42
N TYR A 97 0.13 -22.78 -5.31
CA TYR A 97 0.63 -23.80 -4.41
C TYR A 97 -0.10 -25.10 -4.64
N CYS A 98 0.65 -26.18 -4.73
CA CYS A 98 0.10 -27.53 -4.63
C CYS A 98 -0.06 -27.85 -3.15
N SER A 99 -1.20 -28.43 -2.78
CA SER A 99 -1.48 -28.64 -1.37
C SER A 99 -2.37 -29.86 -1.20
N ARG A 100 -2.17 -30.56 -0.09
CA ARG A 100 -3.03 -31.67 0.29
C ARG A 100 -4.02 -31.20 1.35
N ASN A 101 -5.29 -31.55 1.16
CA ASN A 101 -6.29 -31.33 2.19
C ASN A 101 -6.71 -32.66 2.77
N TYR A 102 -6.71 -32.75 4.11
CA TYR A 102 -7.03 -34.01 4.79
C TYR A 102 -8.54 -34.22 4.83
N TYR A 103 -9.06 -34.73 3.70
CA TYR A 103 -10.47 -35.17 3.57
C TYR A 103 -11.47 -34.07 3.98
N GLY A 104 -11.23 -32.85 3.50
CA GLY A 104 -12.12 -31.75 3.84
C GLY A 104 -11.91 -31.22 5.24
N SER A 105 -10.67 -30.87 5.57
CA SER A 105 -10.42 -30.16 6.83
C SER A 105 -9.24 -29.21 6.65
N THR A 106 -8.04 -29.61 7.07
CA THR A 106 -6.85 -28.77 6.96
C THR A 106 -6.10 -29.00 5.65
N TYR A 107 -5.44 -27.93 5.19
CA TYR A 107 -4.39 -28.04 4.16
C TYR A 107 -3.11 -28.35 4.93
N ASP A 108 -2.81 -29.64 5.10
CA ASP A 108 -1.76 -30.01 6.03
C ASP A 108 -0.38 -30.11 5.37
N TYR A 109 -0.29 -30.12 4.05
CA TYR A 109 1.00 -30.05 3.38
C TYR A 109 0.90 -29.14 2.18
N TRP A 110 1.96 -28.37 1.96
CA TRP A 110 2.04 -27.40 0.89
C TRP A 110 3.38 -27.56 0.16
N GLY A 111 3.35 -27.36 -1.16
CA GLY A 111 4.56 -27.22 -1.91
C GLY A 111 5.17 -25.85 -1.67
N GLN A 112 6.10 -25.48 -2.55
CA GLN A 112 6.80 -24.21 -2.43
C GLN A 112 6.21 -23.14 -3.34
N GLY A 113 5.29 -23.51 -4.21
CA GLY A 113 4.63 -22.59 -5.10
C GLY A 113 5.33 -22.46 -6.43
N THR A 114 4.54 -22.16 -7.47
CA THR A 114 5.04 -21.81 -8.79
C THR A 114 4.28 -20.58 -9.25
N THR A 115 4.99 -19.66 -9.90
CA THR A 115 4.48 -18.32 -10.14
C THR A 115 3.91 -18.19 -11.56
N LEU A 116 2.70 -17.67 -11.66
CA LEU A 116 2.04 -17.43 -12.93
C LEU A 116 1.87 -15.93 -13.15
N THR A 117 2.26 -15.45 -14.32
CA THR A 117 2.09 -14.06 -14.72
C THR A 117 1.33 -14.03 -16.04
N VAL A 118 0.18 -13.37 -16.03
CA VAL A 118 -0.67 -13.21 -17.21
C VAL A 118 -0.50 -11.78 -17.69
N SER A 119 0.17 -11.60 -18.83
CA SER A 119 0.56 -10.28 -19.26
C SER A 119 0.83 -10.31 -20.76
N SER A 120 0.63 -9.16 -21.41
CA SER A 120 0.92 -9.01 -22.84
C SER A 120 2.40 -8.79 -23.11
N ALA A 121 3.20 -8.49 -22.10
CA ALA A 121 4.62 -8.22 -22.30
C ALA A 121 5.38 -9.49 -22.62
N SER A 122 6.61 -9.31 -23.09
CA SER A 122 7.45 -10.42 -23.51
C SER A 122 8.36 -10.87 -22.38
N THR A 123 8.90 -12.08 -22.53
CA THR A 123 9.92 -12.58 -21.63
C THR A 123 11.27 -11.93 -21.96
N LYS A 124 11.96 -11.45 -20.92
CA LYS A 124 13.33 -10.99 -21.08
C LYS A 124 14.16 -11.53 -19.94
N GLY A 125 15.31 -12.12 -20.27
CA GLY A 125 16.26 -12.58 -19.28
C GLY A 125 17.04 -11.45 -18.67
N PRO A 126 17.54 -11.66 -17.45
CA PRO A 126 18.27 -10.59 -16.76
C PRO A 126 19.72 -10.46 -17.21
N SER A 127 20.27 -9.28 -16.95
CA SER A 127 21.70 -9.05 -16.97
C SER A 127 22.19 -9.03 -15.53
N VAL A 128 23.38 -9.55 -15.28
CA VAL A 128 23.88 -9.74 -13.92
C VAL A 128 25.22 -9.01 -13.79
N PHE A 129 25.27 -8.03 -12.89
CA PHE A 129 26.48 -7.26 -12.66
C PHE A 129 26.95 -7.45 -11.23
N PRO A 130 28.25 -7.44 -11.01
CA PRO A 130 28.76 -7.54 -9.63
C PRO A 130 28.55 -6.22 -8.89
N LEU A 131 28.25 -6.34 -7.60
CA LEU A 131 28.37 -5.23 -6.65
C LEU A 131 29.66 -5.49 -5.89
N ALA A 132 30.74 -4.88 -6.35
CA ALA A 132 32.07 -5.33 -5.93
C ALA A 132 32.46 -4.73 -4.58
N PRO A 133 33.01 -5.53 -3.68
CA PRO A 133 33.41 -5.00 -2.37
C PRO A 133 34.67 -4.16 -2.47
N SER A 134 34.74 -3.16 -1.60
CA SER A 134 35.88 -2.27 -1.49
C SER A 134 35.85 -1.66 -0.10
N SER A 135 36.74 -0.68 0.15
CA SER A 135 36.68 0.06 1.40
C SER A 135 35.36 0.82 1.53
N LYS A 136 34.78 1.23 0.39
CA LYS A 136 33.51 1.93 0.39
C LYS A 136 32.35 1.02 0.79
N SER A 137 32.52 -0.29 0.76
CA SER A 137 31.52 -1.21 1.27
C SER A 137 32.09 -2.04 2.43
N THR A 138 32.92 -1.40 3.24
CA THR A 138 33.46 -2.01 4.46
C THR A 138 33.08 -1.13 5.65
N SER A 139 32.58 -1.75 6.71
CA SER A 139 32.14 -1.04 7.91
C SER A 139 32.73 -1.79 9.11
N GLY A 140 33.91 -1.37 9.56
CA GLY A 140 34.59 -2.09 10.60
C GLY A 140 35.05 -3.45 10.12
N GLY A 141 34.63 -4.51 10.79
CA GLY A 141 34.96 -5.85 10.36
C GLY A 141 34.00 -6.49 9.39
N THR A 142 33.00 -5.75 8.92
CA THR A 142 32.00 -6.27 7.99
C THR A 142 32.21 -5.64 6.62
N ALA A 143 32.25 -6.46 5.59
CA ALA A 143 32.21 -5.97 4.23
C ALA A 143 30.95 -6.50 3.57
N ALA A 144 30.47 -5.76 2.58
CA ALA A 144 29.28 -6.17 1.84
C ALA A 144 29.64 -6.31 0.38
N LEU A 145 29.05 -7.30 -0.27
CA LEU A 145 29.20 -7.51 -1.70
C LEU A 145 27.87 -8.03 -2.22
N GLY A 146 27.72 -8.07 -3.53
CA GLY A 146 26.47 -8.58 -4.06
C GLY A 146 26.42 -8.62 -5.57
N CYS A 147 25.20 -8.81 -6.06
CA CYS A 147 24.88 -9.00 -7.47
C CYS A 147 23.68 -8.14 -7.80
N LEU A 148 23.78 -7.42 -8.91
CA LEU A 148 22.68 -6.63 -9.43
C LEU A 148 22.06 -7.41 -10.58
N VAL A 149 20.78 -7.76 -10.43
CA VAL A 149 20.05 -8.57 -11.40
C VAL A 149 19.05 -7.66 -12.10
N LYS A 150 19.37 -7.23 -13.32
CA LYS A 150 18.73 -6.07 -13.92
C LYS A 150 18.01 -6.41 -15.23
N ASP A 151 16.82 -5.81 -15.41
CA ASP A 151 16.08 -5.77 -16.67
C ASP A 151 15.57 -7.15 -17.11
N TYR A 152 14.77 -7.78 -16.26
CA TYR A 152 14.15 -9.06 -16.59
C TYR A 152 12.62 -8.97 -16.47
N PHE A 153 11.95 -9.95 -17.06
CA PHE A 153 10.50 -10.10 -17.02
C PHE A 153 10.17 -11.51 -17.49
N PRO A 154 9.23 -12.19 -16.81
CA PRO A 154 8.52 -11.78 -15.59
C PRO A 154 9.26 -12.15 -14.31
N GLU A 155 8.63 -11.91 -13.17
CA GLU A 155 9.05 -12.52 -11.91
C GLU A 155 8.79 -14.03 -11.98
N PRO A 156 9.57 -14.83 -11.24
CA PRO A 156 10.65 -14.46 -10.32
C PRO A 156 12.03 -14.86 -10.80
N VAL A 157 13.05 -14.30 -10.14
CA VAL A 157 14.39 -14.85 -10.20
C VAL A 157 14.72 -15.38 -8.81
N THR A 158 15.47 -16.48 -8.76
CA THR A 158 16.08 -16.95 -7.54
C THR A 158 17.58 -16.66 -7.59
N VAL A 159 18.14 -16.25 -6.45
CA VAL A 159 19.57 -16.04 -6.32
C VAL A 159 20.04 -16.85 -5.13
N SER A 160 21.18 -17.52 -5.30
CA SER A 160 21.84 -18.21 -4.21
C SER A 160 23.31 -17.82 -4.26
N TRP A 161 24.03 -18.11 -3.18
CA TRP A 161 25.43 -17.77 -3.13
C TRP A 161 26.27 -19.02 -2.92
N ASN A 162 27.36 -19.12 -3.68
CA ASN A 162 28.24 -20.29 -3.66
C ASN A 162 27.42 -21.59 -3.72
N SER A 163 26.53 -21.63 -4.71
CA SER A 163 25.66 -22.79 -4.96
C SER A 163 24.90 -23.20 -3.70
N GLY A 164 24.50 -22.22 -2.89
CA GLY A 164 23.71 -22.47 -1.71
C GLY A 164 24.49 -22.76 -0.45
N ALA A 165 25.82 -22.84 -0.55
CA ALA A 165 26.65 -23.07 0.64
C ALA A 165 26.71 -21.84 1.54
N LEU A 166 26.33 -20.66 1.02
CA LEU A 166 26.42 -19.40 1.76
C LEU A 166 25.00 -18.87 1.93
N THR A 167 24.50 -18.85 3.15
CA THR A 167 23.15 -18.35 3.42
C THR A 167 23.14 -17.30 4.52
N SER A 168 24.11 -17.36 5.44
CA SER A 168 24.15 -16.39 6.53
C SER A 168 24.51 -15.00 6.01
N GLY A 169 23.72 -14.01 6.40
CA GLY A 169 24.01 -12.64 6.00
C GLY A 169 23.51 -12.25 4.63
N VAL A 170 22.79 -13.13 3.95
CA VAL A 170 22.31 -12.86 2.60
C VAL A 170 20.98 -12.12 2.68
N HIS A 171 20.86 -11.03 1.92
CA HIS A 171 19.60 -10.36 1.71
C HIS A 171 19.35 -10.30 0.21
N THR A 172 18.29 -10.94 -0.25
CA THR A 172 17.82 -10.75 -1.61
C THR A 172 16.59 -9.86 -1.57
N PHE A 173 16.70 -8.68 -2.17
CA PHE A 173 15.71 -7.63 -2.05
C PHE A 173 14.51 -7.92 -2.95
N PRO A 174 13.31 -7.51 -2.52
CA PRO A 174 12.15 -7.61 -3.41
C PRO A 174 12.44 -6.86 -4.70
N ALA A 175 11.98 -7.43 -5.81
CA ALA A 175 12.19 -6.80 -7.09
C ALA A 175 11.40 -5.50 -7.19
N VAL A 176 11.91 -4.55 -7.96
CA VAL A 176 11.19 -3.32 -8.24
C VAL A 176 10.90 -3.26 -9.73
N LEU A 177 9.70 -2.84 -10.07
CA LEU A 177 9.30 -2.61 -11.46
C LEU A 177 9.84 -1.25 -11.91
N GLN A 178 10.78 -1.26 -12.85
CA GLN A 178 11.33 -0.04 -13.43
C GLN A 178 10.36 0.56 -14.43
N SER A 179 10.59 1.83 -14.76
CA SER A 179 9.73 2.53 -15.72
C SER A 179 9.72 1.82 -17.08
N SER A 180 10.78 1.07 -17.39
CA SER A 180 10.86 0.36 -18.65
C SER A 180 9.84 -0.76 -18.77
N GLY A 181 9.23 -1.18 -17.65
CA GLY A 181 8.42 -2.38 -17.65
C GLY A 181 9.16 -3.63 -17.20
N LEU A 182 10.48 -3.53 -17.00
CA LEU A 182 11.29 -4.66 -16.57
C LEU A 182 11.61 -4.57 -15.09
N TYR A 183 11.79 -5.72 -14.46
CA TYR A 183 12.10 -5.78 -13.04
C TYR A 183 13.60 -5.64 -12.81
N SER A 184 13.95 -5.35 -11.56
CA SER A 184 15.34 -5.25 -11.19
C SER A 184 15.46 -5.55 -9.70
N LEU A 185 16.54 -6.22 -9.31
CA LEU A 185 16.78 -6.48 -7.90
C LEU A 185 18.27 -6.63 -7.64
N SER A 186 18.63 -6.51 -6.36
CA SER A 186 19.98 -6.77 -5.89
C SER A 186 19.94 -7.87 -4.83
N SER A 187 20.93 -8.73 -4.85
CA SER A 187 21.18 -9.69 -3.78
C SER A 187 22.51 -9.32 -3.16
N VAL A 188 22.54 -9.15 -1.84
CA VAL A 188 23.77 -8.79 -1.15
C VAL A 188 24.04 -9.79 -0.03
N VAL A 189 25.31 -9.88 0.33
CA VAL A 189 25.71 -10.67 1.50
C VAL A 189 26.77 -9.85 2.23
N THR A 190 26.72 -9.87 3.56
CA THR A 190 27.76 -9.27 4.38
C THR A 190 28.69 -10.38 4.88
N VAL A 191 29.99 -10.12 4.82
CA VAL A 191 31.03 -11.11 5.10
C VAL A 191 32.12 -10.47 5.96
N PRO A 192 33.02 -11.24 6.56
CA PRO A 192 34.14 -10.62 7.28
C PRO A 192 35.06 -9.94 6.29
N SER A 193 35.48 -8.71 6.61
CA SER A 193 36.28 -7.98 5.65
C SER A 193 37.59 -8.70 5.37
N SER A 194 38.09 -9.47 6.34
CA SER A 194 39.33 -10.23 6.12
C SER A 194 39.18 -11.29 5.03
N SER A 195 37.97 -11.69 4.70
CA SER A 195 37.79 -12.75 3.72
C SER A 195 37.77 -12.25 2.28
N LEU A 196 37.66 -10.92 2.06
CA LEU A 196 37.80 -10.35 0.72
C LEU A 196 39.15 -10.70 0.13
N GLY A 197 39.14 -11.17 -1.12
CA GLY A 197 40.38 -11.58 -1.77
C GLY A 197 40.96 -12.88 -1.29
N THR A 198 40.41 -13.50 -0.24
CA THR A 198 40.87 -14.81 0.20
C THR A 198 39.78 -15.88 0.09
N GLN A 199 38.53 -15.49 -0.06
CA GLN A 199 37.40 -16.41 -0.25
C GLN A 199 36.67 -16.05 -1.54
N THR A 200 36.23 -17.06 -2.28
CA THR A 200 35.48 -16.84 -3.50
C THR A 200 34.00 -16.66 -3.21
N TYR A 201 33.38 -15.71 -3.91
CA TYR A 201 31.97 -15.41 -3.78
C TYR A 201 31.37 -15.39 -5.18
N ILE A 202 30.38 -16.24 -5.41
CA ILE A 202 29.74 -16.40 -6.70
C ILE A 202 28.24 -16.36 -6.44
N CYS A 203 27.54 -15.44 -7.08
CA CYS A 203 26.09 -15.46 -7.03
C CYS A 203 25.57 -16.29 -8.18
N ASN A 204 24.62 -17.19 -7.89
CA ASN A 204 24.01 -18.05 -8.88
C ASN A 204 22.61 -17.53 -9.15
N VAL A 205 22.40 -16.97 -10.33
CA VAL A 205 21.13 -16.34 -10.69
C VAL A 205 20.39 -17.27 -11.63
N ASN A 206 19.12 -17.51 -11.32
CA ASN A 206 18.28 -18.38 -12.14
C ASN A 206 16.99 -17.64 -12.46
N HIS A 207 16.66 -17.58 -13.74
CA HIS A 207 15.43 -16.95 -14.23
C HIS A 207 14.83 -17.93 -15.22
N LYS A 208 13.96 -18.81 -14.71
CA LYS A 208 13.46 -19.92 -15.53
C LYS A 208 12.70 -19.49 -16.79
N PRO A 209 11.84 -18.46 -16.77
CA PRO A 209 11.08 -18.16 -17.99
C PRO A 209 11.95 -17.85 -19.20
N SER A 210 13.17 -17.38 -18.99
CA SER A 210 14.12 -17.10 -20.07
C SER A 210 15.26 -18.11 -20.10
N ASN A 211 15.18 -19.17 -19.29
CA ASN A 211 16.24 -20.19 -19.18
C ASN A 211 17.62 -19.56 -18.99
N THR A 212 17.66 -18.49 -18.22
CA THR A 212 18.93 -17.91 -17.79
C THR A 212 19.40 -18.65 -16.54
N LYS A 213 20.62 -19.16 -16.57
CA LYS A 213 21.28 -19.69 -15.37
C LYS A 213 22.70 -19.15 -15.42
N VAL A 214 22.98 -18.15 -14.60
CA VAL A 214 24.23 -17.40 -14.65
C VAL A 214 24.92 -17.47 -13.29
N ASP A 215 26.21 -17.81 -13.30
CA ASP A 215 27.06 -17.72 -12.12
C ASP A 215 28.01 -16.55 -12.29
N LYS A 216 28.04 -15.65 -11.31
CA LYS A 216 28.81 -14.41 -11.41
C LYS A 216 29.80 -14.35 -10.25
N LYS A 217 31.08 -14.40 -10.57
CA LYS A 217 32.12 -14.27 -9.54
C LYS A 217 32.29 -12.80 -9.20
N VAL A 218 32.14 -12.45 -7.93
CA VAL A 218 32.17 -11.07 -7.47
C VAL A 218 33.51 -10.83 -6.79
N GLU A 219 34.34 -9.99 -7.40
CA GLU A 219 35.70 -9.77 -6.92
C GLU A 219 35.86 -8.37 -6.33
N PRO A 220 36.76 -8.20 -5.36
CA PRO A 220 37.02 -6.88 -4.80
C PRO A 220 37.45 -5.88 -5.86
N LYS A 221 37.22 -4.60 -5.58
CA LYS A 221 37.64 -3.51 -6.44
C LYS A 221 38.87 -2.81 -5.85
N ASP B 1 -20.68 -17.85 0.96
CA ASP B 1 -19.35 -18.20 1.47
C ASP B 1 -19.07 -17.51 2.78
N ILE B 2 -18.24 -18.14 3.60
CA ILE B 2 -17.95 -17.64 4.95
C ILE B 2 -16.74 -16.72 4.88
N LEU B 3 -16.89 -15.50 5.40
CA LEU B 3 -15.80 -14.53 5.47
C LEU B 3 -15.12 -14.61 6.82
N LEU B 4 -13.81 -14.75 6.81
CA LEU B 4 -13.03 -14.69 8.04
C LEU B 4 -12.40 -13.30 8.11
N THR B 5 -12.73 -12.56 9.14
CA THR B 5 -12.18 -11.23 9.33
C THR B 5 -11.05 -11.32 10.35
N GLN B 6 -9.84 -10.98 9.90
CA GLN B 6 -8.65 -10.94 10.74
C GLN B 6 -8.29 -9.47 10.93
N SER B 7 -8.52 -8.97 12.14
CA SER B 7 -8.28 -7.56 12.42
C SER B 7 -7.78 -7.47 13.85
N PRO B 8 -6.65 -6.76 14.08
CA PRO B 8 -5.93 -5.94 13.10
C PRO B 8 -5.07 -6.72 12.12
N ALA B 9 -4.61 -6.02 11.08
CA ALA B 9 -3.80 -6.63 10.05
C ALA B 9 -2.31 -6.62 10.42
N ILE B 10 -1.89 -5.69 11.25
CA ILE B 10 -0.51 -5.62 11.72
C ILE B 10 -0.52 -5.70 13.24
N LEU B 11 0.36 -6.53 13.80
CA LEU B 11 0.64 -6.50 15.21
C LEU B 11 2.12 -6.22 15.40
N SER B 12 2.43 -5.39 16.39
CA SER B 12 3.79 -5.07 16.76
C SER B 12 3.91 -5.25 18.26
N VAL B 13 4.76 -6.20 18.68
CA VAL B 13 4.92 -6.52 20.09
C VAL B 13 6.40 -6.63 20.45
N SER B 14 6.68 -6.48 21.72
CA SER B 14 8.04 -6.66 22.19
C SER B 14 8.32 -8.13 22.50
N PRO B 15 9.57 -8.57 22.42
CA PRO B 15 9.88 -9.96 22.79
C PRO B 15 9.51 -10.24 24.24
N GLY B 16 9.11 -11.47 24.51
CA GLY B 16 8.72 -11.88 25.84
C GLY B 16 7.29 -11.56 26.20
N GLU B 17 6.57 -10.80 25.39
CA GLU B 17 5.17 -10.50 25.62
C GLU B 17 4.27 -11.55 24.98
N ARG B 18 3.06 -11.64 25.49
CA ARG B 18 2.01 -12.45 24.90
C ARG B 18 1.31 -11.65 23.81
N VAL B 19 1.04 -12.30 22.69
CA VAL B 19 0.35 -11.66 21.58
C VAL B 19 -0.83 -12.55 21.18
N SER B 20 -1.90 -11.92 20.74
CA SER B 20 -3.12 -12.63 20.37
C SER B 20 -3.57 -12.16 18.99
N PHE B 21 -3.79 -13.12 18.09
CA PHE B 21 -4.35 -12.84 16.78
C PHE B 21 -5.83 -13.16 16.81
N SER B 22 -6.62 -12.32 16.16
CA SER B 22 -8.07 -12.44 16.16
C SER B 22 -8.57 -12.90 14.78
N CYS B 23 -9.46 -13.89 14.78
CA CYS B 23 -10.15 -14.35 13.58
C CYS B 23 -11.64 -14.45 13.93
N ARG B 24 -12.47 -13.73 13.18
CA ARG B 24 -13.92 -13.74 13.40
C ARG B 24 -14.61 -14.19 12.12
N ALA B 25 -15.51 -15.15 12.24
CA ALA B 25 -16.23 -15.72 11.12
C ALA B 25 -17.60 -15.06 10.97
N SER B 26 -18.02 -14.82 9.73
CA SER B 26 -19.30 -14.17 9.49
C SER B 26 -20.47 -15.09 9.80
N GLN B 27 -20.21 -16.39 9.97
CA GLN B 27 -21.23 -17.38 10.31
C GLN B 27 -20.61 -18.40 11.24
N PHE B 28 -21.48 -19.12 11.94
CA PHE B 28 -21.06 -20.22 12.78
C PHE B 28 -20.17 -21.18 12.00
N VAL B 29 -19.01 -21.50 12.57
CA VAL B 29 -18.10 -22.48 12.00
C VAL B 29 -17.74 -23.55 13.02
N GLY B 30 -18.50 -23.64 14.11
CA GLY B 30 -18.21 -24.62 15.14
C GLY B 30 -16.81 -24.39 15.70
N SER B 31 -15.97 -25.42 15.65
CA SER B 31 -14.57 -25.31 16.04
C SER B 31 -13.64 -25.51 14.84
N SER B 32 -14.14 -25.37 13.62
CA SER B 32 -13.40 -25.77 12.44
C SER B 32 -12.59 -24.61 11.87
N ILE B 33 -11.74 -24.04 12.73
CA ILE B 33 -10.81 -22.98 12.36
C ILE B 33 -9.40 -23.53 12.45
N HIS B 34 -8.60 -23.32 11.42
CA HIS B 34 -7.22 -23.79 11.37
C HIS B 34 -6.29 -22.60 11.15
N TRP B 35 -5.15 -22.61 11.83
CA TRP B 35 -4.19 -21.51 11.79
C TRP B 35 -2.93 -21.93 11.06
N TYR B 36 -2.42 -21.01 10.23
CA TYR B 36 -1.23 -21.23 9.44
C TYR B 36 -0.24 -20.09 9.69
N GLN B 37 1.04 -20.45 9.61
CA GLN B 37 2.13 -19.48 9.67
C GLN B 37 2.78 -19.45 8.30
N GLN B 38 2.96 -18.25 7.75
CA GLN B 38 3.71 -18.12 6.50
C GLN B 38 4.86 -17.14 6.74
N ARG B 39 6.08 -17.66 6.74
CA ARG B 39 7.27 -16.85 6.84
C ARG B 39 7.62 -16.24 5.49
N THR B 40 8.42 -15.18 5.53
CA THR B 40 8.80 -14.47 4.31
C THR B 40 9.45 -15.45 3.32
N ASN B 41 9.00 -15.39 2.06
CA ASN B 41 9.47 -16.27 1.00
C ASN B 41 9.16 -17.75 1.26
N GLY B 42 8.14 -18.06 2.06
CA GLY B 42 7.85 -19.43 2.41
C GLY B 42 6.40 -19.80 2.14
N SER B 43 6.11 -21.05 2.42
CA SER B 43 4.75 -21.53 2.22
CA SER B 43 4.75 -21.53 2.22
C SER B 43 4.01 -21.56 3.56
N PRO B 44 2.68 -21.47 3.54
CA PRO B 44 1.92 -21.63 4.79
C PRO B 44 2.29 -22.96 5.45
N ARG B 45 2.48 -22.94 6.76
CA ARG B 45 2.69 -24.13 7.57
C ARG B 45 1.54 -24.26 8.58
N LEU B 46 0.93 -25.45 8.66
CA LEU B 46 -0.18 -25.64 9.59
C LEU B 46 0.32 -25.62 11.04
N LEU B 47 -0.34 -24.82 11.88
CA LEU B 47 0.04 -24.67 13.29
C LEU B 47 -0.96 -25.28 14.25
N ILE B 48 -2.22 -24.92 14.12
CA ILE B 48 -3.32 -25.38 14.97
C ILE B 48 -4.45 -25.86 14.08
N LYS B 49 -5.02 -27.00 14.41
CA LYS B 49 -6.21 -27.47 13.71
C LYS B 49 -7.37 -27.52 14.69
N TYR B 50 -8.56 -27.18 14.18
CA TYR B 50 -9.79 -27.29 14.94
C TYR B 50 -9.73 -26.41 16.18
N ALA B 51 -9.24 -25.19 16.00
CA ALA B 51 -9.31 -24.07 16.94
C ALA B 51 -8.22 -24.13 18.00
N SER B 52 -7.92 -25.32 18.54
CA SER B 52 -7.08 -25.41 19.72
C SER B 52 -6.14 -26.61 19.76
N GLU B 53 -6.06 -27.42 18.72
CA GLU B 53 -5.20 -28.59 18.74
C GLU B 53 -3.92 -28.27 17.97
N SER B 54 -2.81 -28.17 18.69
CA SER B 54 -1.56 -27.80 18.03
C SER B 54 -0.94 -29.01 17.37
N MET B 55 -0.37 -28.81 16.19
CA MET B 55 0.24 -29.89 15.44
C MET B 55 1.55 -30.32 16.09
N SER B 56 1.94 -31.57 15.80
CA SER B 56 3.22 -32.08 16.28
C SER B 56 4.36 -31.20 15.79
N GLY B 57 5.28 -30.89 16.70
CA GLY B 57 6.43 -30.08 16.38
C GLY B 57 6.25 -28.59 16.53
N ILE B 58 5.04 -28.11 16.74
CA ILE B 58 4.83 -26.68 16.96
C ILE B 58 5.29 -26.33 18.37
N PRO B 59 6.11 -25.30 18.57
CA PRO B 59 6.52 -24.93 19.92
C PRO B 59 5.33 -24.67 20.82
N SER B 60 5.51 -24.95 22.12
CA SER B 60 4.41 -24.93 23.06
C SER B 60 3.90 -23.53 23.37
N ARG B 61 4.66 -22.48 23.04
CA ARG B 61 4.14 -21.14 23.27
C ARG B 61 2.97 -20.81 22.34
N PHE B 62 2.76 -21.57 21.27
CA PHE B 62 1.58 -21.40 20.43
C PHE B 62 0.39 -22.15 21.01
N SER B 63 -0.77 -21.50 20.98
CA SER B 63 -2.01 -22.14 21.37
C SER B 63 -3.17 -21.38 20.75
N GLY B 64 -4.27 -22.09 20.54
CA GLY B 64 -5.47 -21.47 19.99
C GLY B 64 -6.68 -21.69 20.87
N SER B 65 -7.71 -20.86 20.72
CA SER B 65 -8.95 -21.12 21.43
C SER B 65 -10.08 -20.45 20.67
N GLY B 66 -11.31 -20.78 21.08
CA GLY B 66 -12.50 -20.19 20.51
C GLY B 66 -13.46 -21.23 19.97
N SER B 67 -14.71 -20.80 19.76
CA SER B 67 -15.73 -21.62 19.14
C SER B 67 -16.84 -20.69 18.67
N GLY B 68 -17.59 -21.15 17.67
CA GLY B 68 -18.70 -20.37 17.17
C GLY B 68 -18.27 -19.45 16.05
N THR B 69 -18.00 -18.17 16.37
CA THR B 69 -17.51 -17.23 15.37
C THR B 69 -16.26 -16.48 15.78
N ASP B 70 -15.73 -16.68 16.99
CA ASP B 70 -14.67 -15.85 17.54
C ASP B 70 -13.49 -16.73 17.96
N PHE B 71 -12.34 -16.52 17.34
CA PHE B 71 -11.20 -17.40 17.52
C PHE B 71 -9.93 -16.59 17.76
N THR B 72 -8.99 -17.21 18.48
CA THR B 72 -7.75 -16.53 18.86
C THR B 72 -6.58 -17.49 18.73
N LEU B 73 -5.49 -16.99 18.16
CA LEU B 73 -4.19 -17.62 18.20
C LEU B 73 -3.32 -16.83 19.16
N SER B 74 -2.71 -17.51 20.13
CA SER B 74 -1.86 -16.86 21.10
C SER B 74 -0.43 -17.39 21.00
N ILE B 75 0.52 -16.49 21.21
CA ILE B 75 1.92 -16.81 21.39
C ILE B 75 2.29 -16.22 22.74
N ASN B 76 2.46 -17.06 23.77
CA ASN B 76 2.49 -16.52 25.12
C ASN B 76 3.78 -15.76 25.42
N THR B 77 4.89 -16.13 24.79
CA THR B 77 6.10 -15.31 24.83
C THR B 77 6.68 -15.30 23.43
N VAL B 78 6.69 -14.13 22.80
CA VAL B 78 7.01 -13.99 21.38
C VAL B 78 8.52 -13.81 21.23
N GLU B 79 9.07 -14.46 20.22
CA GLU B 79 10.47 -14.27 19.85
C GLU B 79 10.54 -13.84 18.39
N SER B 80 11.72 -13.34 18.00
CA SER B 80 11.90 -12.82 16.65
C SER B 80 11.56 -13.87 15.61
N GLU B 81 11.84 -15.14 15.89
CA GLU B 81 11.56 -16.24 14.96
C GLU B 81 10.07 -16.38 14.67
N ASP B 82 9.21 -15.76 15.47
CA ASP B 82 7.77 -15.77 15.25
C ASP B 82 7.32 -14.71 14.25
N ILE B 83 8.25 -13.90 13.72
CA ILE B 83 7.92 -12.91 12.70
C ILE B 83 7.43 -13.62 11.44
N ALA B 84 6.19 -13.32 11.04
CA ALA B 84 5.57 -13.93 9.87
C ALA B 84 4.18 -13.36 9.69
N ASP B 85 3.46 -13.85 8.69
CA ASP B 85 2.03 -13.68 8.57
C ASP B 85 1.31 -14.89 9.14
N TYR B 86 0.15 -14.67 9.73
CA TYR B 86 -0.67 -15.72 10.31
C TYR B 86 -2.04 -15.65 9.67
N TYR B 87 -2.50 -16.78 9.11
CA TYR B 87 -3.79 -16.89 8.46
C TYR B 87 -4.67 -17.89 9.20
N CYS B 88 -5.98 -17.61 9.22
CA CYS B 88 -6.95 -18.59 9.67
C CYS B 88 -7.71 -19.13 8.46
N GLN B 89 -8.31 -20.30 8.65
CA GLN B 89 -9.00 -21.02 7.59
C GLN B 89 -10.16 -21.77 8.22
N GLN B 90 -11.32 -21.76 7.57
CA GLN B 90 -12.46 -22.52 8.05
C GLN B 90 -12.74 -23.68 7.10
N SER B 91 -13.06 -24.83 7.67
CA SER B 91 -13.53 -25.98 6.91
C SER B 91 -14.88 -26.42 7.43
N HIS B 92 -15.65 -25.48 7.97
CA HIS B 92 -17.00 -25.83 8.39
C HIS B 92 -17.90 -26.03 7.18
N SER B 93 -17.75 -25.22 6.13
CA SER B 93 -18.60 -25.42 4.97
C SER B 93 -17.85 -25.03 3.70
N TRP B 94 -18.35 -25.52 2.58
CA TRP B 94 -17.71 -25.41 1.27
C TRP B 94 -18.14 -24.10 0.62
N PRO B 95 -17.22 -23.41 -0.06
CA PRO B 95 -15.80 -23.71 -0.18
C PRO B 95 -15.04 -23.28 1.05
N PHE B 96 -13.88 -23.89 1.28
CA PHE B 96 -13.04 -23.46 2.39
C PHE B 96 -12.48 -22.07 2.07
N THR B 97 -12.44 -21.20 3.09
CA THR B 97 -12.00 -19.83 2.90
C THR B 97 -10.93 -19.48 3.93
N PHE B 98 -10.07 -18.53 3.55
CA PHE B 98 -8.98 -18.03 4.39
C PHE B 98 -9.26 -16.59 4.81
N GLY B 99 -8.76 -16.23 5.98
CA GLY B 99 -8.68 -14.83 6.35
C GLY B 99 -7.64 -14.09 5.54
N SER B 100 -7.62 -12.77 5.69
CA SER B 100 -6.66 -11.94 4.98
C SER B 100 -5.28 -11.93 5.59
N GLY B 101 -5.12 -12.44 6.81
CA GLY B 101 -3.81 -12.53 7.41
C GLY B 101 -3.50 -11.34 8.30
N THR B 102 -2.77 -11.62 9.38
CA THR B 102 -2.20 -10.60 10.25
C THR B 102 -0.70 -10.74 10.23
N ASN B 103 0.01 -9.64 10.03
CA ASN B 103 1.48 -9.66 10.05
C ASN B 103 1.97 -9.38 11.46
N LEU B 104 2.96 -10.15 11.91
CA LEU B 104 3.56 -9.95 13.23
C LEU B 104 4.93 -9.31 13.07
N GLU B 105 5.09 -8.13 13.64
CA GLU B 105 6.39 -7.50 13.81
C GLU B 105 6.82 -7.62 15.27
N VAL B 106 8.08 -8.00 15.48
CA VAL B 106 8.64 -8.10 16.82
C VAL B 106 9.60 -6.94 17.00
N LYS B 107 9.35 -6.10 18.00
CA LYS B 107 10.17 -4.92 18.23
C LYS B 107 11.54 -5.30 18.79
N ARG B 108 12.49 -4.39 18.61
CA ARG B 108 13.84 -4.53 19.16
C ARG B 108 14.37 -3.15 19.49
N THR B 109 15.52 -3.13 20.16
CA THR B 109 16.24 -1.87 20.36
C THR B 109 16.59 -1.25 19.02
N VAL B 110 16.76 0.07 19.03
CA VAL B 110 17.15 0.81 17.84
C VAL B 110 18.49 0.31 17.33
N ALA B 111 18.60 0.15 16.01
CA ALA B 111 19.83 -0.33 15.39
C ALA B 111 20.11 0.54 14.18
N ALA B 112 21.16 1.34 14.26
CA ALA B 112 21.56 2.15 13.13
C ALA B 112 22.02 1.25 11.99
N PRO B 113 21.76 1.63 10.74
CA PRO B 113 22.23 0.82 9.61
C PRO B 113 23.72 0.93 9.40
N SER B 114 24.32 -0.18 9.01
CA SER B 114 25.58 -0.13 8.28
C SER B 114 25.30 0.37 6.86
N VAL B 115 26.17 1.23 6.34
CA VAL B 115 25.95 1.86 5.04
C VAL B 115 27.13 1.49 4.13
N PHE B 116 26.80 1.03 2.92
CA PHE B 116 27.79 0.63 1.92
C PHE B 116 27.39 1.19 0.56
N ILE B 117 28.38 1.57 -0.23
CA ILE B 117 28.10 2.06 -1.57
C ILE B 117 28.90 1.24 -2.58
N PHE B 118 28.31 1.05 -3.76
CA PHE B 118 28.94 0.29 -4.83
C PHE B 118 28.97 1.10 -6.11
N PRO B 119 30.14 1.33 -6.71
CA PRO B 119 30.18 1.97 -8.02
C PRO B 119 29.62 1.04 -9.07
N PRO B 120 29.25 1.55 -10.24
CA PRO B 120 28.80 0.64 -11.30
C PRO B 120 29.95 -0.23 -11.76
N SER B 121 29.61 -1.40 -12.28
CA SER B 121 30.65 -2.31 -12.76
C SER B 121 31.15 -1.86 -14.12
N ASP B 122 32.38 -2.28 -14.45
CA ASP B 122 32.92 -2.00 -15.78
C ASP B 122 32.07 -2.67 -16.86
N GLU B 123 31.53 -3.86 -16.58
CA GLU B 123 30.67 -4.54 -17.55
C GLU B 123 29.44 -3.71 -17.87
N GLN B 124 28.75 -3.21 -16.85
CA GLN B 124 27.56 -2.41 -17.11
C GLN B 124 27.91 -1.13 -17.83
N LEU B 125 29.00 -0.46 -17.42
CA LEU B 125 29.40 0.76 -18.09
C LEU B 125 29.66 0.50 -19.59
N LYS B 126 30.17 -0.68 -19.94
CA LYS B 126 30.37 -0.97 -21.36
C LYS B 126 29.05 -1.09 -22.10
N SER B 127 27.96 -1.34 -21.39
CA SER B 127 26.63 -1.43 -21.99
C SER B 127 25.93 -0.07 -22.05
N GLY B 128 26.56 0.98 -21.52
CA GLY B 128 26.03 2.33 -21.63
C GLY B 128 25.25 2.82 -20.43
N THR B 129 25.14 2.01 -19.39
CA THR B 129 24.33 2.35 -18.22
C THR B 129 25.20 2.30 -16.98
N ALA B 130 24.93 3.21 -16.03
CA ALA B 130 25.61 3.19 -14.74
C ALA B 130 24.54 3.10 -13.65
N SER B 131 24.54 1.99 -12.93
CA SER B 131 23.76 1.84 -11.70
C SER B 131 24.70 1.96 -10.50
N VAL B 132 24.36 2.84 -9.57
CA VAL B 132 25.08 2.98 -8.31
C VAL B 132 24.16 2.51 -7.19
N VAL B 133 24.65 1.65 -6.30
CA VAL B 133 23.81 1.04 -5.29
C VAL B 133 24.29 1.48 -3.91
N CYS B 134 23.34 1.86 -3.06
CA CYS B 134 23.60 2.19 -1.67
C CYS B 134 22.82 1.20 -0.81
N LEU B 135 23.52 0.53 0.11
CA LEU B 135 22.93 -0.50 0.95
C LEU B 135 22.88 0.00 2.38
N LEU B 136 21.69 -0.08 2.98
CA LEU B 136 21.47 0.22 4.40
C LEU B 136 21.12 -1.12 5.04
N ASN B 137 22.03 -1.66 5.84
CA ASN B 137 21.95 -3.04 6.27
C ASN B 137 21.64 -3.17 7.75
N ASN B 138 20.60 -3.95 8.06
CA ASN B 138 20.30 -4.47 9.40
C ASN B 138 19.96 -3.34 10.39
N PHE B 139 18.94 -2.55 10.04
CA PHE B 139 18.55 -1.43 10.89
C PHE B 139 17.13 -1.63 11.43
N TYR B 140 16.83 -0.85 12.47
CA TYR B 140 15.50 -0.82 13.09
C TYR B 140 15.39 0.49 13.86
N PRO B 141 14.24 1.18 13.77
CA PRO B 141 13.00 0.82 13.06
C PRO B 141 13.07 0.99 11.56
N ARG B 142 11.95 0.69 10.89
CA ARG B 142 11.94 0.58 9.43
C ARG B 142 12.26 1.91 8.75
N GLU B 143 11.81 3.02 9.32
CA GLU B 143 11.93 4.31 8.65
C GLU B 143 13.39 4.74 8.53
N ALA B 144 13.77 5.12 7.32
CA ALA B 144 15.11 5.58 6.95
C ALA B 144 14.97 6.51 5.75
N LYS B 145 15.89 7.45 5.62
CA LYS B 145 15.86 8.38 4.50
C LYS B 145 17.19 8.26 3.77
N VAL B 146 17.11 8.14 2.43
CA VAL B 146 18.28 8.00 1.56
C VAL B 146 18.22 9.07 0.49
N GLN B 147 19.29 9.84 0.38
CA GLN B 147 19.39 10.92 -0.61
C GLN B 147 20.65 10.74 -1.43
N TRP B 148 20.52 10.85 -2.75
CA TRP B 148 21.68 10.82 -3.65
C TRP B 148 22.14 12.24 -3.95
N LYS B 149 23.44 12.46 -3.84
CA LYS B 149 24.09 13.68 -4.27
C LYS B 149 25.17 13.33 -5.28
N VAL B 150 25.18 14.05 -6.40
CA VAL B 150 26.20 13.91 -7.43
C VAL B 150 26.85 15.28 -7.59
N ASP B 151 28.15 15.36 -7.28
CA ASP B 151 28.87 16.64 -7.14
C ASP B 151 28.08 17.61 -6.27
N ASN B 152 27.54 17.11 -5.17
CA ASN B 152 26.74 17.82 -4.18
C ASN B 152 25.38 18.28 -4.68
N ALA B 153 25.02 18.00 -5.93
CA ALA B 153 23.66 18.27 -6.41
C ALA B 153 22.74 17.13 -5.99
N LEU B 154 21.71 17.45 -5.21
CA LEU B 154 20.72 16.45 -4.82
C LEU B 154 20.01 15.88 -6.06
N GLN B 155 19.86 14.56 -6.09
CA GLN B 155 19.23 13.89 -7.22
C GLN B 155 17.77 13.57 -6.94
N SER B 156 16.99 13.44 -8.02
CA SER B 156 15.56 13.28 -7.92
C SER B 156 15.05 12.50 -9.13
N GLY B 157 14.15 11.55 -8.88
CA GLY B 157 13.50 10.86 -9.98
C GLY B 157 14.36 9.90 -10.78
N ASN B 158 15.58 9.60 -10.32
CA ASN B 158 16.42 8.63 -11.02
C ASN B 158 16.90 7.52 -10.07
N SER B 159 16.16 7.26 -8.99
CA SER B 159 16.52 6.20 -8.06
C SER B 159 15.27 5.41 -7.66
N GLN B 160 15.51 4.19 -7.21
CA GLN B 160 14.47 3.29 -6.73
C GLN B 160 14.98 2.56 -5.50
N GLU B 161 14.08 2.35 -4.53
CA GLU B 161 14.40 1.72 -3.27
C GLU B 161 13.61 0.44 -3.11
N SER B 162 14.20 -0.51 -2.40
CA SER B 162 13.55 -1.76 -2.08
C SER B 162 13.94 -2.10 -0.64
N VAL B 163 12.97 -2.55 0.15
CA VAL B 163 13.16 -2.85 1.57
C VAL B 163 12.80 -4.32 1.79
N THR B 164 13.64 -5.02 2.55
CA THR B 164 13.33 -6.39 2.92
C THR B 164 12.21 -6.40 3.97
N GLU B 165 11.54 -7.54 4.07
CA GLU B 165 10.66 -7.81 5.19
C GLU B 165 11.50 -8.00 6.45
N GLN B 166 10.88 -7.80 7.61
CA GLN B 166 11.62 -7.88 8.86
C GLN B 166 12.24 -9.26 9.04
N ASP B 167 13.52 -9.28 9.41
CA ASP B 167 14.28 -10.52 9.53
C ASP B 167 13.91 -11.27 10.80
N SER B 168 13.62 -12.55 10.68
CA SER B 168 13.20 -13.31 11.87
C SER B 168 14.37 -13.71 12.76
N LYS B 169 15.61 -13.59 12.30
CA LYS B 169 16.71 -13.91 13.21
C LYS B 169 17.06 -12.71 14.10
N ASP B 170 16.99 -11.48 13.58
CA ASP B 170 17.44 -10.34 14.38
C ASP B 170 16.48 -9.14 14.38
N SER B 171 15.27 -9.28 13.84
CA SER B 171 14.23 -8.25 13.82
C SER B 171 14.64 -6.98 13.07
N THR B 172 15.60 -7.05 12.15
CA THR B 172 16.01 -5.84 11.43
C THR B 172 15.44 -5.82 10.01
N TYR B 173 15.56 -4.64 9.40
CA TYR B 173 15.28 -4.42 8.00
C TYR B 173 16.58 -4.12 7.26
N SER B 174 16.51 -4.21 5.93
CA SER B 174 17.59 -3.75 5.08
C SER B 174 16.96 -3.08 3.85
N LEU B 175 17.72 -2.16 3.25
CA LEU B 175 17.21 -1.31 2.19
C LEU B 175 18.30 -1.13 1.16
N SER B 176 17.92 -1.15 -0.11
CA SER B 176 18.81 -0.81 -1.20
C SER B 176 18.21 0.38 -1.97
N SER B 177 19.06 1.31 -2.34
CA SER B 177 18.68 2.40 -3.23
C SER B 177 19.59 2.32 -4.44
N THR B 178 18.99 2.32 -5.62
CA THR B 178 19.74 2.19 -6.87
C THR B 178 19.56 3.48 -7.66
N LEU B 179 20.66 4.18 -7.86
CA LEU B 179 20.68 5.34 -8.72
C LEU B 179 21.15 4.88 -10.10
N THR B 180 20.35 5.14 -11.13
CA THR B 180 20.67 4.71 -12.48
C THR B 180 20.84 5.93 -13.38
N LEU B 181 21.97 5.97 -14.09
CA LEU B 181 22.28 7.03 -15.04
C LEU B 181 22.77 6.42 -16.34
N SER B 182 22.63 7.19 -17.41
CA SER B 182 23.32 6.86 -18.64
C SER B 182 24.83 6.98 -18.43
N LYS B 183 25.59 6.14 -19.14
CA LYS B 183 27.04 6.26 -19.06
C LYS B 183 27.50 7.67 -19.35
N ALA B 184 26.81 8.37 -20.28
CA ALA B 184 27.21 9.73 -20.63
C ALA B 184 27.05 10.67 -19.45
N ASP B 185 25.90 10.61 -18.76
CA ASP B 185 25.71 11.48 -17.60
C ASP B 185 26.58 11.05 -16.44
N TYR B 186 26.88 9.75 -16.34
CA TYR B 186 27.79 9.29 -15.29
C TYR B 186 29.18 9.88 -15.47
N GLU B 187 29.67 9.96 -16.72
CA GLU B 187 31.01 10.43 -16.98
C GLU B 187 31.14 11.94 -16.92
N LYS B 188 30.03 12.68 -16.88
CA LYS B 188 30.08 14.13 -16.75
C LYS B 188 30.28 14.59 -15.30
N HIS B 189 30.26 13.67 -14.34
CA HIS B 189 30.37 14.03 -12.93
C HIS B 189 31.43 13.18 -12.25
N LYS B 190 31.87 13.65 -11.08
CA LYS B 190 32.95 13.00 -10.34
C LYS B 190 32.49 12.36 -9.04
N VAL B 191 31.91 13.12 -8.11
CA VAL B 191 31.64 12.63 -6.77
C VAL B 191 30.23 12.06 -6.71
N TYR B 192 30.12 10.80 -6.31
CA TYR B 192 28.85 10.11 -6.15
C TYR B 192 28.68 9.75 -4.69
N ALA B 193 27.66 10.32 -4.06
CA ALA B 193 27.52 10.22 -2.61
C ALA B 193 26.15 9.70 -2.24
N CYS B 194 26.12 8.92 -1.18
CA CYS B 194 24.92 8.37 -0.59
C CYS B 194 24.81 8.93 0.81
N GLU B 195 23.67 9.53 1.14
CA GLU B 195 23.50 10.14 2.46
C GLU B 195 22.28 9.56 3.17
N VAL B 196 22.51 9.07 4.38
CA VAL B 196 21.55 8.26 5.10
C VAL B 196 21.25 8.93 6.43
N THR B 197 19.97 9.05 6.75
CA THR B 197 19.54 9.46 8.08
C THR B 197 18.57 8.39 8.61
N HIS B 198 18.62 8.19 9.93
CA HIS B 198 17.90 7.11 10.60
C HIS B 198 17.91 7.40 12.08
N GLN B 199 16.89 6.89 12.79
CA GLN B 199 16.76 7.19 14.21
CA GLN B 199 16.75 7.18 14.22
C GLN B 199 18.04 6.86 14.97
N GLY B 200 18.70 5.76 14.61
CA GLY B 200 19.89 5.32 15.30
C GLY B 200 21.17 6.05 15.00
N LEU B 201 21.19 7.01 14.07
CA LEU B 201 22.41 7.74 13.74
C LEU B 201 22.37 9.11 14.40
N SER B 202 23.47 9.49 15.06
CA SER B 202 23.48 10.79 15.73
C SER B 202 23.62 11.94 14.74
N SER B 203 24.03 11.65 13.51
CA SER B 203 24.06 12.64 12.43
C SER B 203 24.09 11.87 11.11
N PRO B 204 23.66 12.50 10.02
CA PRO B 204 23.61 11.78 8.73
C PRO B 204 24.94 11.15 8.41
N VAL B 205 24.89 9.99 7.78
CA VAL B 205 26.07 9.25 7.34
C VAL B 205 26.16 9.33 5.83
N THR B 206 27.33 9.71 5.34
CA THR B 206 27.58 9.84 3.90
C THR B 206 28.64 8.85 3.47
N LYS B 207 28.31 8.04 2.47
CA LYS B 207 29.26 7.16 1.80
C LYS B 207 29.38 7.65 0.36
N SER B 208 30.61 7.85 -0.10
CA SER B 208 30.81 8.40 -1.43
C SER B 208 32.09 7.86 -2.05
N PHE B 209 32.22 8.05 -3.36
CA PHE B 209 33.42 7.70 -4.11
C PHE B 209 33.56 8.67 -5.27
N ASN B 210 34.80 8.88 -5.72
CA ASN B 210 35.05 9.61 -6.94
C ASN B 210 35.07 8.63 -8.12
N ARG B 211 34.32 8.96 -9.16
CA ARG B 211 34.30 8.14 -10.37
C ARG B 211 35.73 7.93 -10.89
N GLY B 212 36.08 6.67 -11.12
CA GLY B 212 37.41 6.33 -11.59
C GLY B 212 38.49 6.45 -10.54
N GLU B 213 38.36 5.68 -9.46
CA GLU B 213 39.38 5.64 -8.42
C GLU B 213 39.35 4.32 -7.66
N GLU C 1 -10.56 36.49 12.11
CA GLU C 1 -10.39 35.08 11.74
C GLU C 1 -9.34 34.94 10.64
N VAL C 2 -8.32 34.12 10.89
CA VAL C 2 -7.23 33.92 9.95
C VAL C 2 -7.72 33.03 8.81
N LYS C 3 -7.62 33.53 7.58
CA LYS C 3 -8.00 32.76 6.41
C LYS C 3 -6.81 32.75 5.47
N LEU C 4 -6.48 31.58 4.91
CA LEU C 4 -5.49 31.47 3.84
C LEU C 4 -6.15 30.70 2.70
N GLU C 5 -6.04 31.22 1.48
CA GLU C 5 -6.75 30.66 0.34
C GLU C 5 -5.84 30.54 -0.87
N GLU C 6 -5.44 29.31 -1.17
CA GLU C 6 -4.60 29.00 -2.33
C GLU C 6 -5.44 28.89 -3.60
N SER C 7 -4.77 29.08 -4.73
CA SER C 7 -5.34 28.80 -6.05
C SER C 7 -4.18 28.60 -7.02
N GLY C 8 -4.50 28.10 -8.21
CA GLY C 8 -3.52 27.96 -9.28
C GLY C 8 -3.14 26.54 -9.63
N GLY C 9 -3.48 25.55 -8.81
CA GLY C 9 -3.10 24.18 -9.10
C GLY C 9 -3.74 23.65 -10.37
N GLY C 10 -3.21 22.53 -10.84
CA GLY C 10 -3.72 21.94 -12.04
C GLY C 10 -2.72 20.97 -12.63
N LEU C 11 -2.94 20.66 -13.90
CA LEU C 11 -2.09 19.74 -14.65
C LEU C 11 -1.02 20.51 -15.40
N VAL C 12 0.23 20.09 -15.25
CA VAL C 12 1.30 20.63 -16.07
C VAL C 12 2.18 19.47 -16.53
N GLN C 13 2.69 19.59 -17.75
CA GLN C 13 3.58 18.61 -18.34
CA GLN C 13 3.56 18.58 -18.31
C GLN C 13 4.92 18.58 -17.61
N PRO C 14 5.62 17.45 -17.62
CA PRO C 14 6.98 17.43 -17.06
C PRO C 14 7.87 18.41 -17.79
N GLY C 15 8.61 19.22 -17.03
CA GLY C 15 9.43 20.28 -17.57
C GLY C 15 8.74 21.62 -17.66
N GLY C 16 7.46 21.69 -17.32
CA GLY C 16 6.68 22.89 -17.50
C GLY C 16 6.73 23.79 -16.29
N SER C 17 5.93 24.86 -16.36
CA SER C 17 5.88 25.90 -15.35
C SER C 17 4.43 26.11 -14.89
N MET C 18 4.29 26.64 -13.68
CA MET C 18 2.99 26.93 -13.10
C MET C 18 3.20 27.80 -11.85
N LYS C 19 2.29 28.75 -11.65
CA LYS C 19 2.36 29.68 -10.53
C LYS C 19 1.19 29.43 -9.59
N LEU C 20 1.48 29.18 -8.33
CA LEU C 20 0.47 29.13 -7.29
C LEU C 20 0.34 30.49 -6.62
N SER C 21 -0.88 30.78 -6.13
CA SER C 21 -1.17 32.01 -5.41
C SER C 21 -1.83 31.69 -4.09
N CYS C 22 -1.70 32.61 -3.14
CA CYS C 22 -2.35 32.50 -1.84
C CYS C 22 -2.65 33.90 -1.34
N VAL C 23 -3.92 34.16 -1.04
CA VAL C 23 -4.36 35.42 -0.42
C VAL C 23 -4.62 35.16 1.06
N ALA C 24 -4.12 36.05 1.92
CA ALA C 24 -4.24 35.91 3.35
C ALA C 24 -5.13 37.01 3.93
N SER C 25 -5.76 36.71 5.07
CA SER C 25 -6.49 37.73 5.80
C SER C 25 -6.49 37.37 7.28
N GLY C 26 -6.80 38.36 8.11
CA GLY C 26 -7.01 38.14 9.52
C GLY C 26 -5.80 38.34 10.40
N PHE C 27 -4.65 38.70 9.80
CA PHE C 27 -3.46 39.08 10.55
C PHE C 27 -2.71 40.13 9.74
N ILE C 28 -1.73 40.76 10.37
CA ILE C 28 -0.95 41.80 9.69
C ILE C 28 0.05 41.10 8.78
N PHE C 29 -0.33 40.97 7.51
CA PHE C 29 0.40 40.13 6.57
C PHE C 29 1.88 40.52 6.50
N SER C 30 2.16 41.81 6.33
CA SER C 30 3.52 42.25 6.04
C SER C 30 4.50 41.98 7.18
N ASN C 31 4.03 41.64 8.37
CA ASN C 31 4.93 41.31 9.48
C ASN C 31 5.28 39.84 9.56
N HIS C 32 4.68 38.96 8.74
CA HIS C 32 4.78 37.52 8.96
C HIS C 32 5.40 36.78 7.80
N TRP C 33 5.89 35.58 8.10
CA TRP C 33 6.61 34.74 7.16
C TRP C 33 5.64 33.76 6.52
N MET C 34 5.58 33.78 5.20
CA MET C 34 4.67 32.91 4.46
C MET C 34 5.43 31.75 3.85
N ASN C 35 4.84 30.56 3.95
CA ASN C 35 5.47 29.31 3.57
C ASN C 35 4.57 28.52 2.64
N TRP C 36 5.20 27.74 1.77
CA TRP C 36 4.51 26.69 1.00
C TRP C 36 4.97 25.35 1.53
N VAL C 37 4.03 24.50 1.90
CA VAL C 37 4.29 23.15 2.38
C VAL C 37 3.49 22.20 1.52
N ARG C 38 4.14 21.16 1.00
CA ARG C 38 3.46 20.26 0.10
C ARG C 38 3.27 18.89 0.75
N GLN C 39 2.29 18.16 0.23
CA GLN C 39 1.96 16.84 0.75
C GLN C 39 1.73 15.90 -0.41
N SER C 40 2.34 14.73 -0.35
CA SER C 40 2.20 13.67 -1.34
C SER C 40 2.21 12.35 -0.62
N PRO C 41 1.59 11.30 -1.19
CA PRO C 41 1.60 9.99 -0.51
C PRO C 41 2.99 9.42 -0.29
N GLU C 42 3.92 9.67 -1.21
CA GLU C 42 5.26 9.09 -1.10
C GLU C 42 6.11 9.81 -0.07
N LYS C 43 6.08 11.14 -0.08
CA LYS C 43 6.99 11.95 0.73
C LYS C 43 6.33 12.54 1.97
N GLY C 44 5.01 12.42 2.11
CA GLY C 44 4.37 13.05 3.25
C GLY C 44 4.42 14.57 3.18
N LEU C 45 4.50 15.19 4.36
CA LEU C 45 4.51 16.63 4.49
C LEU C 45 5.94 17.14 4.39
N GLU C 46 6.13 18.14 3.54
CA GLU C 46 7.45 18.57 3.11
C GLU C 46 7.45 20.08 2.96
N TRP C 47 8.25 20.78 3.77
CA TRP C 47 8.38 22.22 3.58
C TRP C 47 9.04 22.49 2.22
N VAL C 48 8.54 23.51 1.51
CA VAL C 48 9.02 23.84 0.17
C VAL C 48 9.76 25.19 0.14
N ALA C 49 9.12 26.25 0.63
CA ALA C 49 9.73 27.57 0.46
C ALA C 49 9.15 28.52 1.49
N GLU C 50 9.95 29.54 1.84
CA GLU C 50 9.54 30.56 2.80
C GLU C 50 10.03 31.92 2.33
N ILE C 51 9.20 32.92 2.51
CA ILE C 51 9.61 34.31 2.31
C ILE C 51 9.28 35.06 3.58
N ARG C 52 10.27 35.74 4.14
CA ARG C 52 10.12 36.44 5.40
C ARG C 52 9.72 37.90 5.14
N SER C 53 9.78 38.74 6.16
CA SER C 53 9.15 40.05 6.09
C SER C 53 10.03 41.03 5.29
N LYS C 54 9.38 42.06 4.76
CA LYS C 54 10.13 43.09 4.05
C LYS C 54 11.18 43.73 4.95
N SER C 55 10.91 43.78 6.26
CA SER C 55 11.84 44.42 7.17
C SER C 55 13.19 43.72 7.18
N ILE C 56 13.21 42.40 6.94
CA ILE C 56 14.47 41.69 6.85
C ILE C 56 14.71 41.23 5.41
N ASN C 57 14.52 42.17 4.47
CA ASN C 57 14.87 42.04 3.05
C ASN C 57 14.05 40.99 2.31
N SER C 58 12.87 40.62 2.83
CA SER C 58 12.01 39.63 2.17
C SER C 58 12.77 38.36 1.83
N ALA C 59 13.64 37.92 2.75
CA ALA C 59 14.54 36.81 2.49
C ALA C 59 13.76 35.55 2.13
N THR C 60 14.21 34.88 1.06
CA THR C 60 13.57 33.67 0.57
C THR C 60 14.49 32.48 0.84
N HIS C 61 13.91 31.38 1.27
CA HIS C 61 14.64 30.16 1.54
C HIS C 61 13.91 28.99 0.89
N TYR C 62 14.68 28.04 0.35
CA TYR C 62 14.10 26.96 -0.42
C TYR C 62 14.56 25.60 0.09
N ALA C 63 13.65 24.63 0.04
CA ALA C 63 14.04 23.25 0.25
C ALA C 63 15.05 22.85 -0.83
N GLU C 64 15.99 21.99 -0.45
CA GLU C 64 17.05 21.66 -1.39
C GLU C 64 16.51 20.99 -2.65
N SER C 65 15.39 20.30 -2.55
CA SER C 65 14.87 19.58 -3.70
C SER C 65 14.18 20.50 -4.72
N VAL C 66 13.98 21.78 -4.40
CA VAL C 66 13.40 22.73 -5.34
C VAL C 66 14.27 23.95 -5.59
N LYS C 67 15.40 24.09 -4.89
CA LYS C 67 16.28 25.23 -5.10
C LYS C 67 16.66 25.33 -6.58
N GLY C 68 16.55 26.52 -7.14
CA GLY C 68 16.87 26.76 -8.52
C GLY C 68 15.72 26.59 -9.49
N ARG C 69 14.66 25.91 -9.08
CA ARG C 69 13.51 25.72 -9.95
C ARG C 69 12.30 26.52 -9.51
N PHE C 70 12.17 26.77 -8.21
CA PHE C 70 11.02 27.45 -7.63
C PHE C 70 11.43 28.84 -7.17
N THR C 71 10.54 29.79 -7.32
CA THR C 71 10.76 31.15 -6.83
C THR C 71 9.53 31.56 -6.03
N ILE C 72 9.73 31.93 -4.77
CA ILE C 72 8.65 32.42 -3.93
C ILE C 72 8.76 33.93 -3.84
N SER C 73 7.61 34.61 -3.89
CA SER C 73 7.54 36.06 -3.82
C SER C 73 6.32 36.42 -2.99
N ARG C 74 6.12 37.73 -2.80
CA ARG C 74 4.98 38.20 -2.02
C ARG C 74 4.63 39.62 -2.46
N ASP C 75 3.36 39.97 -2.27
CA ASP C 75 2.86 41.31 -2.58
C ASP C 75 2.08 41.77 -1.36
N ASP C 76 2.71 42.61 -0.52
CA ASP C 76 2.08 42.97 0.75
C ASP C 76 0.82 43.81 0.54
N SER C 77 0.72 44.53 -0.58
CA SER C 77 -0.46 45.35 -0.82
C SER C 77 -1.68 44.51 -1.16
N LYS C 78 -1.49 43.27 -1.61
CA LYS C 78 -2.59 42.36 -1.88
C LYS C 78 -2.69 41.24 -0.85
N SER C 79 -1.84 41.25 0.19
CA SER C 79 -1.79 40.16 1.17
C SER C 79 -1.63 38.81 0.47
N ALA C 80 -0.77 38.76 -0.54
CA ALA C 80 -0.63 37.62 -1.41
C ALA C 80 0.80 37.10 -1.40
N VAL C 81 0.94 35.77 -1.38
CA VAL C 81 2.22 35.09 -1.57
C VAL C 81 2.10 34.19 -2.79
N TYR C 82 3.20 34.05 -3.54
CA TYR C 82 3.18 33.30 -4.80
C TYR C 82 4.30 32.28 -4.84
N LEU C 83 4.06 31.19 -5.56
CA LEU C 83 5.05 30.15 -5.80
C LEU C 83 5.13 29.91 -7.29
N GLN C 84 6.21 30.35 -7.91
CA GLN C 84 6.44 30.17 -9.34
C GLN C 84 7.32 28.93 -9.50
N MET C 85 6.77 27.88 -10.10
CA MET C 85 7.46 26.62 -10.30
C MET C 85 7.85 26.49 -11.77
N THR C 86 9.10 26.08 -12.01
CA THR C 86 9.61 25.82 -13.34
C THR C 86 10.31 24.47 -13.32
N ASP C 87 10.61 23.95 -14.51
CA ASP C 87 11.24 22.63 -14.68
C ASP C 87 10.58 21.59 -13.78
N LEU C 88 9.26 21.54 -13.84
CA LEU C 88 8.54 20.68 -12.91
C LEU C 88 8.80 19.20 -13.21
N ARG C 89 8.78 18.42 -12.14
CA ARG C 89 9.09 17.00 -12.20
C ARG C 89 7.88 16.19 -11.76
N THR C 90 7.80 14.96 -12.28
CA THR C 90 6.77 14.02 -11.84
C THR C 90 6.65 14.02 -10.31
N GLU C 91 7.79 13.95 -9.62
CA GLU C 91 7.80 13.89 -8.17
C GLU C 91 7.38 15.20 -7.50
N ASP C 92 7.18 16.29 -8.24
CA ASP C 92 6.62 17.50 -7.63
C ASP C 92 5.11 17.42 -7.44
N THR C 93 4.48 16.35 -7.94
CA THR C 93 3.04 16.17 -7.79
C THR C 93 2.67 16.13 -6.31
N GLY C 94 1.62 16.85 -5.94
CA GLY C 94 1.20 16.86 -4.56
C GLY C 94 0.16 17.92 -4.32
N VAL C 95 -0.32 17.97 -3.08
CA VAL C 95 -1.13 19.08 -2.60
C VAL C 95 -0.21 20.11 -1.98
N TYR C 96 -0.34 21.37 -2.43
CA TYR C 96 0.50 22.47 -1.97
C TYR C 96 -0.30 23.39 -1.06
N TYR C 97 0.13 23.47 0.20
CA TYR C 97 -0.52 24.32 1.19
C TYR C 97 0.26 25.61 1.38
N CYS C 98 -0.49 26.71 1.43
CA CYS C 98 0.03 27.97 1.93
C CYS C 98 -0.02 27.93 3.45
N SER C 99 1.07 28.34 4.10
CA SER C 99 1.11 28.26 5.55
C SER C 99 1.94 29.38 6.14
N ARG C 100 1.53 29.85 7.31
CA ARG C 100 2.30 30.83 8.06
C ARG C 100 3.15 30.11 9.10
N ASN C 101 4.44 30.43 9.13
CA ASN C 101 5.33 29.97 10.20
C ASN C 101 5.66 31.11 11.15
N TYR C 102 5.49 30.86 12.45
CA TYR C 102 5.63 31.91 13.45
C TYR C 102 7.11 32.11 13.79
N TYR C 103 7.77 32.90 12.96
CA TYR C 103 9.17 33.32 13.15
C TYR C 103 10.09 32.13 13.45
N GLY C 104 9.99 31.09 12.62
CA GLY C 104 10.86 29.93 12.77
C GLY C 104 10.47 29.04 13.93
N SER C 105 9.19 28.69 14.03
CA SER C 105 8.77 27.69 15.00
C SER C 105 7.65 26.85 14.41
N THR C 106 6.40 27.13 14.77
CA THR C 106 5.26 26.35 14.31
C THR C 106 4.72 26.85 12.97
N TYR C 107 4.08 25.95 12.22
CA TYR C 107 3.21 26.33 11.11
C TYR C 107 1.83 26.49 11.71
N ASP C 108 1.49 27.72 12.14
CA ASP C 108 0.32 27.87 12.99
C ASP C 108 -0.97 28.13 12.21
N TYR C 109 -0.89 28.47 10.91
CA TYR C 109 -2.08 28.54 10.06
C TYR C 109 -1.79 27.94 8.69
N TRP C 110 -2.81 27.29 8.13
CA TRP C 110 -2.70 26.59 6.87
C TRP C 110 -3.92 26.92 6.01
N GLY C 111 -3.73 27.02 4.70
CA GLY C 111 -4.83 27.06 3.78
C GLY C 111 -5.42 25.67 3.58
N GLN C 112 -6.28 25.56 2.56
CA GLN C 112 -6.96 24.30 2.26
C GLN C 112 -6.22 23.49 1.20
N GLY C 113 -5.18 24.05 0.59
CA GLY C 113 -4.40 23.32 -0.39
C GLY C 113 -4.88 23.54 -1.81
N THR C 114 -3.94 23.42 -2.74
CA THR C 114 -4.22 23.37 -4.16
C THR C 114 -3.37 22.27 -4.77
N THR C 115 -3.95 21.52 -5.70
CA THR C 115 -3.40 20.24 -6.13
C THR C 115 -2.59 20.44 -7.41
N LEU C 116 -1.33 20.06 -7.38
CA LEU C 116 -0.47 20.09 -8.56
C LEU C 116 -0.25 18.67 -9.06
N THR C 117 -0.55 18.45 -10.34
CA THR C 117 -0.31 17.18 -11.00
C THR C 117 0.66 17.41 -12.15
N VAL C 118 1.82 16.75 -12.08
CA VAL C 118 2.84 16.84 -13.12
C VAL C 118 2.80 15.51 -13.87
N SER C 119 2.22 15.53 -15.07
CA SER C 119 2.03 14.32 -15.83
C SER C 119 2.08 14.65 -17.30
N SER C 120 2.46 13.66 -18.11
CA SER C 120 2.49 13.83 -19.55
C SER C 120 1.12 13.58 -20.19
N ALA C 121 0.14 13.18 -19.39
CA ALA C 121 -1.19 12.90 -19.89
C ALA C 121 -1.97 14.19 -20.12
N SER C 122 -3.10 14.07 -20.81
CA SER C 122 -3.93 15.18 -21.22
C SER C 122 -5.08 15.41 -20.24
N THR C 123 -5.54 16.65 -20.18
CA THR C 123 -6.74 16.97 -19.43
C THR C 123 -7.95 16.32 -20.07
N LYS C 124 -8.81 15.72 -19.24
CA LYS C 124 -10.08 15.21 -19.70
C LYS C 124 -11.13 15.49 -18.63
N GLY C 125 -12.29 15.98 -19.04
CA GLY C 125 -13.34 16.32 -18.12
C GLY C 125 -14.27 15.16 -17.89
N PRO C 126 -14.90 15.14 -16.72
CA PRO C 126 -15.73 13.99 -16.34
C PRO C 126 -17.06 13.94 -17.07
N SER C 127 -17.51 12.74 -17.36
CA SER C 127 -18.93 12.49 -17.55
C SER C 127 -19.57 12.34 -16.19
N VAL C 128 -20.75 12.91 -16.03
CA VAL C 128 -21.49 12.83 -14.77
C VAL C 128 -22.81 12.15 -15.03
N PHE C 129 -23.02 11.01 -14.39
CA PHE C 129 -24.17 10.13 -14.58
C PHE C 129 -24.93 9.99 -13.27
N PRO C 130 -26.26 9.96 -13.31
CA PRO C 130 -27.03 9.78 -12.07
C PRO C 130 -27.00 8.34 -11.59
N LEU C 131 -26.92 8.20 -10.26
CA LEU C 131 -27.17 6.93 -9.57
C LEU C 131 -28.59 7.04 -9.02
N ALA C 132 -29.56 6.66 -9.84
CA ALA C 132 -30.96 6.94 -9.56
C ALA C 132 -31.47 6.08 -8.41
N PRO C 133 -32.10 6.66 -7.40
CA PRO C 133 -32.66 5.85 -6.32
C PRO C 133 -33.89 5.08 -6.76
N SER C 134 -34.04 3.88 -6.21
CA SER C 134 -35.22 3.06 -6.45
C SER C 134 -35.43 2.15 -5.25
N SER C 135 -36.38 1.23 -5.37
CA SER C 135 -36.56 0.20 -4.36
C SER C 135 -35.31 -0.67 -4.21
N LYS C 136 -34.55 -0.83 -5.29
CA LYS C 136 -33.31 -1.59 -5.23
C LYS C 136 -32.19 -0.82 -4.52
N SER C 137 -32.40 0.47 -4.24
CA SER C 137 -31.46 1.23 -3.41
C SER C 137 -32.17 1.84 -2.21
N THR C 138 -33.19 1.14 -1.70
CA THR C 138 -33.91 1.51 -0.50
C THR C 138 -33.75 0.38 0.52
N SER C 139 -33.31 0.74 1.72
CA SER C 139 -33.14 -0.21 2.82
C SER C 139 -33.95 0.32 4.01
N GLY C 140 -35.15 -0.23 4.21
CA GLY C 140 -36.01 0.27 5.26
C GLY C 140 -36.40 1.71 5.02
N GLY C 141 -36.20 2.56 6.02
CA GLY C 141 -36.48 3.96 5.84
C GLY C 141 -35.40 4.76 5.15
N THR C 142 -34.29 4.14 4.77
CA THR C 142 -33.16 4.83 4.15
C THR C 142 -33.12 4.49 2.67
N ALA C 143 -33.13 5.52 1.83
CA ALA C 143 -32.82 5.38 0.42
C ALA C 143 -31.46 6.00 0.15
N ALA C 144 -30.80 5.52 -0.90
CA ALA C 144 -29.52 6.06 -1.34
C ALA C 144 -29.62 6.53 -2.78
N LEU C 145 -28.91 7.62 -3.08
CA LEU C 145 -28.83 8.17 -4.43
C LEU C 145 -27.45 8.75 -4.60
N GLY C 146 -27.08 9.07 -5.84
CA GLY C 146 -25.76 9.63 -6.03
C GLY C 146 -25.46 10.01 -7.47
N CYS C 147 -24.18 10.27 -7.71
CA CYS C 147 -23.66 10.67 -9.01
C CYS C 147 -22.39 9.89 -9.29
N LEU C 148 -22.29 9.35 -10.50
CA LEU C 148 -21.07 8.70 -10.97
C LEU C 148 -20.28 9.71 -11.81
N VAL C 149 -19.09 10.06 -11.34
CA VAL C 149 -18.21 11.01 -12.01
C VAL C 149 -17.11 10.19 -12.68
N LYS C 150 -17.23 9.97 -13.98
CA LYS C 150 -16.44 8.95 -14.66
C LYS C 150 -15.51 9.56 -15.71
N ASP C 151 -14.31 8.99 -15.82
CA ASP C 151 -13.39 9.22 -16.94
C ASP C 151 -12.89 10.67 -17.02
N TYR C 152 -12.25 11.13 -15.94
CA TYR C 152 -11.63 12.45 -15.94
C TYR C 152 -10.16 12.37 -15.58
N PHE C 153 -9.44 13.44 -15.90
CA PHE C 153 -8.04 13.58 -15.53
C PHE C 153 -7.64 15.06 -15.62
N PRO C 154 -6.81 15.54 -14.69
CA PRO C 154 -6.29 14.86 -13.49
C PRO C 154 -7.21 15.06 -12.29
N GLU C 155 -6.85 14.48 -11.14
CA GLU C 155 -7.44 14.85 -9.87
C GLU C 155 -7.19 16.34 -9.60
N PRO C 156 -8.03 16.99 -8.78
CA PRO C 156 -9.24 16.44 -8.15
C PRO C 156 -10.53 16.93 -8.80
N VAL C 157 -11.66 16.36 -8.39
CA VAL C 157 -12.97 16.97 -8.61
C VAL C 157 -13.57 17.27 -7.24
N THR C 158 -14.28 18.38 -7.14
CA THR C 158 -15.12 18.61 -5.99
C THR C 158 -16.56 18.26 -6.37
N VAL C 159 -17.29 17.68 -5.41
CA VAL C 159 -18.69 17.35 -5.58
C VAL C 159 -19.42 17.90 -4.36
N SER C 160 -20.47 18.67 -4.59
CA SER C 160 -21.39 19.06 -3.53
C SER C 160 -22.80 18.63 -3.91
N TRP C 161 -23.71 18.75 -2.95
CA TRP C 161 -25.10 18.37 -3.14
C TRP C 161 -25.99 19.54 -2.80
N ASN C 162 -26.92 19.86 -3.69
CA ASN C 162 -27.83 20.99 -3.53
C ASN C 162 -27.05 22.25 -3.14
N SER C 163 -25.98 22.50 -3.89
CA SER C 163 -25.14 23.69 -3.73
C SER C 163 -24.59 23.82 -2.31
N GLY C 164 -24.28 22.69 -1.69
CA GLY C 164 -23.68 22.68 -0.37
C GLY C 164 -24.68 22.75 0.77
N ALA C 165 -25.97 22.83 0.49
CA ALA C 165 -26.96 22.79 1.55
C ALA C 165 -27.18 21.38 2.08
N LEU C 166 -26.77 20.35 1.36
CA LEU C 166 -26.94 18.96 1.77
C LEU C 166 -25.56 18.37 2.06
N THR C 167 -25.25 18.16 3.33
CA THR C 167 -23.97 17.57 3.74
C THR C 167 -24.08 16.27 4.52
N SER C 168 -25.11 16.08 5.33
CA SER C 168 -25.19 14.87 6.13
C SER C 168 -25.60 13.68 5.27
N GLY C 169 -24.95 12.54 5.51
CA GLY C 169 -25.19 11.35 4.71
C GLY C 169 -24.41 11.30 3.42
N VAL C 170 -23.65 12.34 3.10
CA VAL C 170 -22.87 12.35 1.86
C VAL C 170 -21.60 11.54 2.06
N HIS C 171 -21.30 10.68 1.10
CA HIS C 171 -20.01 10.01 1.02
C HIS C 171 -19.49 10.20 -0.40
N THR C 172 -18.41 10.96 -0.54
CA THR C 172 -17.73 11.09 -1.82
C THR C 172 -16.49 10.22 -1.76
N PHE C 173 -16.48 9.17 -2.57
CA PHE C 173 -15.45 8.15 -2.47
C PHE C 173 -14.14 8.65 -3.06
N PRO C 174 -13.01 8.19 -2.53
CA PRO C 174 -11.72 8.47 -3.17
C PRO C 174 -11.75 7.98 -4.61
N ALA C 175 -11.09 8.73 -5.49
CA ALA C 175 -11.09 8.38 -6.90
C ALA C 175 -10.26 7.13 -7.14
N VAL C 176 -10.74 6.28 -8.05
CA VAL C 176 -10.00 5.10 -8.48
C VAL C 176 -9.42 5.37 -9.86
N LEU C 177 -8.16 4.99 -10.06
CA LEU C 177 -7.51 5.11 -11.36
C LEU C 177 -7.84 3.88 -12.20
N GLN C 178 -8.60 4.07 -13.28
CA GLN C 178 -9.00 3.01 -14.17
C GLN C 178 -7.86 2.60 -15.09
N SER C 179 -8.04 1.47 -15.76
CA SER C 179 -7.02 0.98 -16.70
C SER C 179 -6.81 1.97 -17.85
N SER C 180 -7.85 2.72 -18.23
CA SER C 180 -7.72 3.73 -19.27
C SER C 180 -6.68 4.79 -18.93
N GLY C 181 -6.29 4.91 -17.67
CA GLY C 181 -5.53 6.05 -17.21
C GLY C 181 -6.38 7.20 -16.76
N LEU C 182 -7.70 7.03 -16.71
CA LEU C 182 -8.62 8.05 -16.25
C LEU C 182 -9.13 7.69 -14.87
N TYR C 183 -9.51 8.72 -14.12
CA TYR C 183 -10.08 8.54 -12.81
C TYR C 183 -11.59 8.40 -12.89
N SER C 184 -12.16 7.78 -11.86
CA SER C 184 -13.59 7.68 -11.75
C SER C 184 -13.92 7.68 -10.27
N LEU C 185 -15.02 8.32 -9.89
CA LEU C 185 -15.49 8.27 -8.52
C LEU C 185 -17.01 8.37 -8.47
N SER C 186 -17.54 8.01 -7.31
CA SER C 186 -18.96 8.13 -7.02
C SER C 186 -19.13 9.00 -5.78
N SER C 187 -20.18 9.81 -5.80
CA SER C 187 -20.62 10.57 -4.64
C SER C 187 -22.04 10.10 -4.34
N VAL C 188 -22.27 9.60 -3.14
CA VAL C 188 -23.58 9.10 -2.74
C VAL C 188 -24.05 9.85 -1.52
N VAL C 189 -25.37 9.82 -1.31
CA VAL C 189 -26.00 10.36 -0.12
C VAL C 189 -27.17 9.45 0.24
N THR C 190 -27.33 9.17 1.53
CA THR C 190 -28.48 8.42 2.04
C THR C 190 -29.50 9.43 2.58
N VAL C 191 -30.77 9.17 2.31
CA VAL C 191 -31.85 10.12 2.61
C VAL C 191 -33.06 9.35 3.12
N PRO C 192 -34.05 10.01 3.71
CA PRO C 192 -35.29 9.30 4.06
C PRO C 192 -35.97 8.83 2.79
N SER C 193 -36.41 7.57 2.78
CA SER C 193 -37.04 7.10 1.56
C SER C 193 -38.30 7.87 1.24
N SER C 194 -38.92 8.49 2.24
CA SER C 194 -40.12 9.29 1.99
C SER C 194 -39.82 10.57 1.21
N SER C 195 -38.57 10.98 1.14
CA SER C 195 -38.24 12.22 0.47
C SER C 195 -37.95 12.02 -1.03
N LEU C 196 -37.81 10.78 -1.48
CA LEU C 196 -37.69 10.53 -2.92
C LEU C 196 -38.94 11.03 -3.64
N GLY C 197 -38.74 11.89 -4.64
CA GLY C 197 -39.84 12.44 -5.40
C GLY C 197 -40.50 13.66 -4.79
N THR C 198 -40.26 13.95 -3.52
CA THR C 198 -40.75 15.19 -2.92
C THR C 198 -39.64 16.20 -2.65
N GLN C 199 -38.37 15.78 -2.70
CA GLN C 199 -37.23 16.66 -2.49
C GLN C 199 -36.28 16.54 -3.67
N THR C 200 -35.80 17.68 -4.17
CA THR C 200 -34.89 17.68 -5.30
C THR C 200 -33.45 17.39 -4.86
N TYR C 201 -32.76 16.57 -5.62
CA TYR C 201 -31.36 16.23 -5.34
C TYR C 201 -30.53 16.51 -6.58
N ILE C 202 -29.50 17.34 -6.42
CA ILE C 202 -28.64 17.80 -7.51
C ILE C 202 -27.19 17.68 -7.04
N CYS C 203 -26.36 16.97 -7.80
CA CYS C 203 -24.94 16.94 -7.50
C CYS C 203 -24.25 18.00 -8.35
N ASN C 204 -23.41 18.80 -7.71
CA ASN C 204 -22.69 19.87 -8.37
C ASN C 204 -21.25 19.41 -8.49
N VAL C 205 -20.84 19.10 -9.72
CA VAL C 205 -19.51 18.56 -10.00
C VAL C 205 -18.70 19.67 -10.66
N ASN C 206 -17.54 19.95 -10.09
CA ASN C 206 -16.61 20.92 -10.64
C ASN C 206 -15.25 20.24 -10.83
N HIS C 207 -14.74 20.27 -12.05
CA HIS C 207 -13.41 19.77 -12.40
C HIS C 207 -12.66 20.96 -12.99
N LYS C 208 -12.01 21.72 -12.11
CA LYS C 208 -11.28 22.92 -12.52
C LYS C 208 -10.27 22.69 -13.65
N PRO C 209 -9.42 21.66 -13.63
CA PRO C 209 -8.43 21.52 -14.71
C PRO C 209 -9.03 21.51 -16.11
N SER C 210 -10.28 21.08 -16.28
CA SER C 210 -10.92 21.11 -17.58
C SER C 210 -12.01 22.17 -17.68
N ASN C 211 -12.24 22.94 -16.62
CA ASN C 211 -13.35 23.90 -16.57
C ASN C 211 -14.68 23.22 -16.91
N THR C 212 -14.88 22.02 -16.39
CA THR C 212 -16.16 21.32 -16.47
C THR C 212 -16.93 21.55 -15.18
N LYS C 213 -18.05 22.26 -15.27
CA LYS C 213 -18.97 22.45 -14.15
C LYS C 213 -20.31 21.86 -14.57
N VAL C 214 -20.79 20.88 -13.82
CA VAL C 214 -21.99 20.12 -14.16
C VAL C 214 -22.88 20.04 -12.94
N ASP C 215 -24.17 20.33 -13.12
CA ASP C 215 -25.18 20.08 -12.09
C ASP C 215 -26.13 19.00 -12.60
N LYS C 216 -26.20 17.88 -11.89
CA LYS C 216 -26.99 16.74 -12.34
C LYS C 216 -28.14 16.50 -11.36
N LYS C 217 -29.36 16.69 -11.84
CA LYS C 217 -30.54 16.35 -11.08
C LYS C 217 -30.74 14.84 -11.06
N VAL C 218 -30.77 14.25 -9.87
CA VAL C 218 -30.88 12.80 -9.70
C VAL C 218 -32.32 12.46 -9.33
N GLU C 219 -33.05 11.80 -10.26
CA GLU C 219 -34.47 11.50 -10.04
C GLU C 219 -34.71 9.99 -9.87
N PRO C 220 -35.73 9.62 -9.12
CA PRO C 220 -36.06 8.21 -8.93
C PRO C 220 -36.36 7.48 -10.24
N LYS C 221 -36.09 6.18 -10.22
CA LYS C 221 -36.46 5.28 -11.31
C LYS C 221 -37.52 4.30 -10.80
N ASP D 1 19.88 16.65 7.75
CA ASP D 1 18.60 17.08 8.29
C ASP D 1 18.10 16.11 9.37
N ILE D 2 17.14 16.57 10.15
CA ILE D 2 16.64 15.80 11.28
C ILE D 2 15.46 14.95 10.80
N LEU D 3 15.52 13.66 11.11
CA LEU D 3 14.47 12.71 10.76
C LEU D 3 13.58 12.47 11.99
N LEU D 4 12.27 12.60 11.79
CA LEU D 4 11.31 12.27 12.82
C LEU D 4 10.68 10.93 12.46
N THR D 5 10.86 9.93 13.33
CA THR D 5 10.29 8.61 13.17
C THR D 5 9.05 8.50 14.05
N GLN D 6 7.88 8.43 13.42
CA GLN D 6 6.62 8.15 14.10
C GLN D 6 6.30 6.68 13.89
N SER D 7 6.27 5.91 14.97
CA SER D 7 6.04 4.48 14.89
C SER D 7 5.37 4.06 16.21
N PRO D 8 4.23 3.33 16.12
CA PRO D 8 3.65 2.74 14.91
C PRO D 8 2.97 3.74 13.99
N ALA D 9 2.64 3.29 12.79
CA ALA D 9 1.97 4.12 11.81
C ALA D 9 0.46 4.06 11.93
N ILE D 10 -0.09 2.95 12.45
CA ILE D 10 -1.51 2.80 12.71
C ILE D 10 -1.72 2.57 14.19
N LEU D 11 -2.79 3.15 14.73
CA LEU D 11 -3.24 2.89 16.09
C LEU D 11 -4.74 2.65 16.05
N SER D 12 -5.19 1.66 16.79
CA SER D 12 -6.60 1.31 16.85
C SER D 12 -6.97 1.12 18.32
N VAL D 13 -7.74 2.05 18.87
CA VAL D 13 -8.15 1.98 20.27
C VAL D 13 -9.67 2.04 20.38
N SER D 14 -10.18 1.61 21.54
CA SER D 14 -11.59 1.69 21.86
C SER D 14 -11.92 3.06 22.44
N PRO D 15 -13.16 3.54 22.27
CA PRO D 15 -13.53 4.84 22.84
C PRO D 15 -13.34 4.85 24.35
N GLY D 16 -12.95 6.01 24.86
CA GLY D 16 -12.72 6.17 26.28
C GLY D 16 -11.42 5.61 26.79
N GLU D 17 -10.57 5.08 25.93
CA GLU D 17 -9.25 4.64 26.32
C GLU D 17 -8.23 5.75 26.06
N ARG D 18 -7.06 5.61 26.68
CA ARG D 18 -5.96 6.51 26.44
C ARG D 18 -5.14 5.97 25.27
N VAL D 19 -4.62 6.88 24.45
CA VAL D 19 -3.75 6.50 23.34
C VAL D 19 -2.54 7.43 23.36
N SER D 20 -1.41 6.91 22.91
CA SER D 20 -0.16 7.67 22.90
C SER D 20 0.53 7.52 21.55
N PHE D 21 0.86 8.66 20.94
CA PHE D 21 1.59 8.71 19.68
C PHE D 21 3.05 8.98 19.98
N SER D 22 3.93 8.20 19.37
CA SER D 22 5.37 8.33 19.58
C SER D 22 6.02 9.11 18.43
N CYS D 23 6.96 9.99 18.78
CA CYS D 23 7.81 10.72 17.84
C CYS D 23 9.23 10.66 18.38
N ARG D 24 10.16 10.13 17.58
CA ARG D 24 11.57 10.09 17.98
C ARG D 24 12.40 10.82 16.94
N ALA D 25 13.21 11.78 17.41
CA ALA D 25 14.09 12.56 16.56
C ALA D 25 15.43 11.88 16.45
N SER D 26 16.06 11.97 15.26
CA SER D 26 17.35 11.33 15.06
C SER D 26 18.49 12.13 15.67
N GLN D 27 18.23 13.36 16.08
CA GLN D 27 19.17 14.20 16.79
C GLN D 27 18.41 14.95 17.86
N PHE D 28 19.16 15.48 18.82
CA PHE D 28 18.59 16.33 19.85
C PHE D 28 17.81 17.47 19.22
N VAL D 29 16.57 17.66 19.68
CA VAL D 29 15.74 18.78 19.28
C VAL D 29 15.25 19.58 20.47
N GLY D 30 15.79 19.33 21.66
CA GLY D 30 15.38 20.06 22.85
C GLY D 30 13.94 19.79 23.18
N SER D 31 13.12 20.85 23.21
CA SER D 31 11.68 20.66 23.31
C SER D 31 10.94 21.23 22.11
N SER D 32 11.61 21.38 20.96
CA SER D 32 11.00 22.06 19.82
C SER D 32 10.28 21.06 18.90
N ILE D 33 9.36 20.30 19.48
CA ILE D 33 8.49 19.39 18.74
C ILE D 33 7.07 19.95 18.82
N HIS D 34 6.40 20.04 17.68
CA HIS D 34 5.01 20.46 17.61
C HIS D 34 4.19 19.37 16.94
N TRP D 35 2.93 19.26 17.34
CA TRP D 35 2.03 18.21 16.88
C TRP D 35 0.85 18.79 16.14
N TYR D 36 0.48 18.14 15.04
CA TYR D 36 -0.62 18.55 14.20
C TYR D 36 -1.60 17.40 14.03
N GLN D 37 -2.89 17.75 13.99
CA GLN D 37 -3.95 16.85 13.60
C GLN D 37 -4.37 17.16 12.17
N GLN D 38 -4.50 16.14 11.33
CA GLN D 38 -5.05 16.33 9.99
C GLN D 38 -6.20 15.37 9.78
N ARG D 39 -7.42 15.91 9.65
CA ARG D 39 -8.59 15.12 9.38
C ARG D 39 -8.71 14.81 7.90
N THR D 40 -9.51 13.79 7.60
CA THR D 40 -9.82 13.43 6.22
C THR D 40 -10.23 14.65 5.43
N ASN D 41 -9.56 14.88 4.30
CA ASN D 41 -9.82 16.00 3.40
C ASN D 41 -9.61 17.37 4.06
N GLY D 42 -8.83 17.43 5.14
CA GLY D 42 -8.57 18.67 5.82
C GLY D 42 -7.08 19.01 5.83
N SER D 43 -6.79 20.17 6.40
CA SER D 43 -5.43 20.66 6.52
CA SER D 43 -5.42 20.65 6.51
C SER D 43 -4.89 20.36 7.90
N PRO D 44 -3.57 20.26 8.05
CA PRO D 44 -3.00 20.08 9.39
C PRO D 44 -3.44 21.21 10.29
N ARG D 45 -3.81 20.88 11.52
CA ARG D 45 -4.18 21.86 12.54
C ARG D 45 -3.22 21.71 13.71
N LEU D 46 -2.65 22.83 14.16
CA LEU D 46 -1.65 22.79 15.23
C LEU D 46 -2.32 22.51 16.57
N LEU D 47 -1.88 21.47 17.26
CA LEU D 47 -2.48 21.07 18.54
C LEU D 47 -1.61 21.47 19.72
N ILE D 48 -0.32 21.14 19.65
CA ILE D 48 0.64 21.28 20.74
C ILE D 48 1.90 21.92 20.20
N LYS D 49 2.39 22.95 20.88
CA LYS D 49 3.64 23.56 20.49
C LYS D 49 4.68 23.33 21.58
N TYR D 50 5.93 23.18 21.16
CA TYR D 50 7.06 23.00 22.07
C TYR D 50 6.78 21.87 23.04
N ALA D 51 6.39 20.72 22.48
CA ALA D 51 6.28 19.44 23.19
C ALA D 51 5.10 19.36 24.15
N SER D 52 4.81 20.42 24.93
CA SER D 52 3.80 20.29 25.96
C SER D 52 2.78 21.42 26.06
N GLU D 53 2.86 22.46 25.24
CA GLU D 53 1.95 23.59 25.39
C GLU D 53 0.79 23.43 24.41
N SER D 54 -0.39 23.16 24.93
CA SER D 54 -1.56 23.01 24.09
C SER D 54 -2.07 24.37 23.64
N MET D 55 -2.52 24.43 22.39
CA MET D 55 -3.02 25.67 21.83
C MET D 55 -4.41 25.97 22.39
N SER D 56 -4.79 27.25 22.34
CA SER D 56 -6.10 27.63 22.83
C SER D 56 -7.18 27.04 21.92
N GLY D 57 -8.23 26.53 22.53
CA GLY D 57 -9.29 25.87 21.80
C GLY D 57 -9.13 24.38 21.64
N ILE D 58 -7.95 23.83 21.91
CA ILE D 58 -7.73 22.40 21.80
C ILE D 58 -8.31 21.72 23.03
N PRO D 59 -9.10 20.65 22.85
CA PRO D 59 -9.71 19.98 24.01
C PRO D 59 -8.69 19.54 25.04
N SER D 60 -9.11 19.55 26.31
CA SER D 60 -8.21 19.26 27.42
C SER D 60 -7.61 17.86 27.35
N ARG D 61 -8.26 16.92 26.67
CA ARG D 61 -7.76 15.54 26.66
C ARG D 61 -6.47 15.39 25.85
N PHE D 62 -6.12 16.37 25.03
CA PHE D 62 -4.83 16.34 24.35
C PHE D 62 -3.74 16.85 25.28
N SER D 63 -2.64 16.10 25.36
CA SER D 63 -1.45 16.58 26.04
C SER D 63 -0.23 16.01 25.35
N GLY D 64 0.91 16.65 25.57
CA GLY D 64 2.16 16.17 25.03
C GLY D 64 3.23 16.23 26.10
N SER D 65 4.25 15.39 25.93
CA SER D 65 5.38 15.39 26.82
C SER D 65 6.62 15.00 26.04
N GLY D 66 7.77 15.05 26.70
CA GLY D 66 9.02 14.62 26.13
C GLY D 66 10.03 15.75 26.01
N SER D 67 11.27 15.35 25.76
CA SER D 67 12.39 16.26 25.56
C SER D 67 13.55 15.45 25.03
N GLY D 68 14.45 16.15 24.35
CA GLY D 68 15.65 15.52 23.83
C GLY D 68 15.40 14.93 22.46
N THR D 69 15.18 13.61 22.43
CA THR D 69 14.85 12.93 21.19
C THR D 69 13.57 12.12 21.26
N ASP D 70 12.84 12.15 22.37
CA ASP D 70 11.74 11.23 22.63
C ASP D 70 10.49 11.99 23.05
N PHE D 71 9.44 11.92 22.25
CA PHE D 71 8.25 12.74 22.45
C PHE D 71 6.98 11.91 22.31
N THR D 72 5.94 12.34 23.02
CA THR D 72 4.67 11.64 23.09
C THR D 72 3.52 12.64 22.98
N LEU D 73 2.51 12.27 22.21
CA LEU D 73 1.22 12.95 22.19
C LEU D 73 0.19 11.97 22.75
N SER D 74 -0.58 12.42 23.73
CA SER D 74 -1.55 11.55 24.40
C SER D 74 -2.96 12.12 24.25
N ILE D 75 -3.91 11.22 24.02
CA ILE D 75 -5.32 11.56 24.14
C ILE D 75 -5.88 10.79 25.34
N ASN D 76 -6.42 11.53 26.31
CA ASN D 76 -6.75 10.91 27.60
C ASN D 76 -7.96 10.01 27.52
N THR D 77 -9.00 10.43 26.81
CA THR D 77 -10.13 9.55 26.52
C THR D 77 -10.45 9.76 25.05
N VAL D 78 -10.06 8.79 24.22
CA VAL D 78 -10.24 8.95 22.79
C VAL D 78 -11.73 8.97 22.47
N GLU D 79 -12.09 9.80 21.50
CA GLU D 79 -13.43 9.99 21.02
C GLU D 79 -13.41 9.76 19.53
N SER D 80 -14.54 9.36 18.95
CA SER D 80 -14.55 9.11 17.52
C SER D 80 -14.09 10.33 16.74
N GLU D 81 -14.40 11.54 17.22
CA GLU D 81 -13.98 12.73 16.50
C GLU D 81 -12.47 12.90 16.50
N ASP D 82 -11.71 12.09 17.23
CA ASP D 82 -10.26 12.15 17.18
C ASP D 82 -9.68 11.33 16.02
N ILE D 83 -10.53 10.64 15.25
CA ILE D 83 -10.07 9.89 14.08
C ILE D 83 -9.40 10.86 13.10
N ALA D 84 -8.11 10.65 12.84
CA ALA D 84 -7.32 11.52 11.98
C ALA D 84 -5.90 11.01 11.86
N ASP D 85 -5.06 11.72 11.09
CA ASP D 85 -3.63 11.52 11.12
C ASP D 85 -2.99 12.54 12.07
N TYR D 86 -1.92 12.13 12.72
CA TYR D 86 -1.20 12.97 13.65
C TYR D 86 0.24 13.05 13.20
N TYR D 87 0.76 14.27 13.09
CA TYR D 87 2.12 14.50 12.65
C TYR D 87 2.89 15.27 13.70
N CYS D 88 4.16 14.95 13.87
CA CYS D 88 5.05 15.82 14.62
C CYS D 88 5.92 16.62 13.66
N GLN D 89 6.50 17.70 14.17
CA GLN D 89 7.35 18.60 13.41
C GLN D 89 8.38 19.18 14.35
N GLN D 90 9.64 19.23 13.91
CA GLN D 90 10.69 19.84 14.71
C GLN D 90 11.06 21.20 14.13
N SER D 91 11.33 22.15 15.02
CA SER D 91 11.84 23.46 14.63
C SER D 91 13.12 23.77 15.40
N HIS D 92 13.84 22.73 15.80
CA HIS D 92 15.11 22.93 16.47
C HIS D 92 16.16 23.46 15.49
N SER D 93 16.26 22.85 14.33
CA SER D 93 17.25 23.30 13.35
C SER D 93 16.64 23.24 11.96
N TRP D 94 17.27 23.97 11.05
CA TRP D 94 16.80 24.16 9.67
C TRP D 94 17.39 23.10 8.75
N PRO D 95 16.61 22.60 7.80
CA PRO D 95 15.22 22.94 7.53
C PRO D 95 14.25 22.20 8.44
N PHE D 96 13.05 22.75 8.61
CA PHE D 96 12.08 22.11 9.47
C PHE D 96 11.55 20.84 8.80
N THR D 97 11.34 19.80 9.60
CA THR D 97 10.94 18.50 9.07
C THR D 97 9.75 17.96 9.86
N PHE D 98 9.00 17.08 9.19
CA PHE D 98 7.80 16.45 9.70
C PHE D 98 8.02 14.95 9.81
N GLY D 99 7.32 14.32 10.72
CA GLY D 99 7.22 12.88 10.72
C GLY D 99 6.27 12.37 9.64
N SER D 100 6.30 11.06 9.45
CA SER D 100 5.45 10.40 8.46
C SER D 100 4.00 10.25 8.92
N GLY D 101 3.73 10.42 10.20
CA GLY D 101 2.35 10.47 10.65
C GLY D 101 1.85 9.13 11.17
N THR D 102 0.97 9.20 12.16
CA THR D 102 0.28 8.02 12.69
C THR D 102 -1.21 8.21 12.48
N ASN D 103 -1.87 7.17 11.96
CA ASN D 103 -3.30 7.17 11.78
C ASN D 103 -3.99 6.62 13.03
N LEU D 104 -5.06 7.29 13.45
CA LEU D 104 -5.88 6.82 14.58
C LEU D 104 -7.19 6.26 14.07
N GLU D 105 -7.44 4.97 14.34
CA GLU D 105 -8.73 4.34 14.18
C GLU D 105 -9.37 4.14 15.55
N VAL D 106 -10.60 4.57 15.69
CA VAL D 106 -11.36 4.39 16.93
C VAL D 106 -12.35 3.28 16.70
N LYS D 107 -12.25 2.20 17.49
CA LYS D 107 -13.09 1.03 17.31
C LYS D 107 -14.54 1.31 17.72
N ARG D 108 -15.43 0.44 17.28
CA ARG D 108 -16.84 0.50 17.61
C ARG D 108 -17.43 -0.90 17.52
N THR D 109 -18.68 -1.04 17.95
CA THR D 109 -19.38 -2.30 17.77
C THR D 109 -19.49 -2.64 16.29
N VAL D 110 -19.58 -3.95 16.02
CA VAL D 110 -19.80 -4.44 14.67
C VAL D 110 -21.09 -3.84 14.09
N ALA D 111 -21.01 -3.37 12.85
CA ALA D 111 -22.17 -2.81 12.16
C ALA D 111 -22.17 -3.33 10.74
N ALA D 112 -23.18 -4.13 10.41
CA ALA D 112 -23.30 -4.65 9.07
C ALA D 112 -23.67 -3.53 8.10
N PRO D 113 -23.26 -3.62 6.85
CA PRO D 113 -23.57 -2.55 5.89
C PRO D 113 -25.00 -2.62 5.42
N SER D 114 -25.58 -1.45 5.20
CA SER D 114 -26.72 -1.37 4.31
C SER D 114 -26.21 -1.49 2.87
N VAL D 115 -26.99 -2.13 2.00
CA VAL D 115 -26.53 -2.46 0.67
C VAL D 115 -27.53 -1.90 -0.34
N PHE D 116 -27.03 -1.19 -1.34
CA PHE D 116 -27.82 -0.52 -2.34
C PHE D 116 -27.18 -0.80 -3.69
N ILE D 117 -28.00 -0.98 -4.73
CA ILE D 117 -27.49 -1.22 -6.08
C ILE D 117 -28.12 -0.20 -7.03
N PHE D 118 -27.34 0.24 -8.00
CA PHE D 118 -27.79 1.23 -8.98
C PHE D 118 -27.58 0.68 -10.38
N PRO D 119 -28.63 0.59 -11.20
CA PRO D 119 -28.44 0.22 -12.59
C PRO D 119 -27.83 1.37 -13.38
N PRO D 120 -27.26 1.10 -14.54
CA PRO D 120 -26.66 2.20 -15.32
C PRO D 120 -27.71 3.21 -15.75
N SER D 121 -27.24 4.43 -15.99
CA SER D 121 -28.13 5.50 -16.44
C SER D 121 -28.41 5.38 -17.93
N ASP D 122 -29.59 5.84 -18.34
CA ASP D 122 -29.91 5.88 -19.76
C ASP D 122 -28.92 6.74 -20.53
N GLU D 123 -28.40 7.81 -19.91
CA GLU D 123 -27.43 8.65 -20.59
C GLU D 123 -26.13 7.90 -20.87
N GLN D 124 -25.66 7.10 -19.90
CA GLN D 124 -24.42 6.38 -20.12
C GLN D 124 -24.60 5.29 -21.18
N LEU D 125 -25.75 4.61 -21.17
CA LEU D 125 -26.00 3.59 -22.20
C LEU D 125 -25.99 4.18 -23.60
N LYS D 126 -26.35 5.47 -23.74
CA LYS D 126 -26.23 6.11 -25.04
C LYS D 126 -24.78 6.23 -25.49
N SER D 127 -23.83 6.18 -24.55
CA SER D 127 -22.42 6.31 -24.90
C SER D 127 -21.75 4.98 -25.23
N GLY D 128 -22.48 3.87 -25.12
CA GLY D 128 -21.94 2.57 -25.41
C GLY D 128 -21.37 1.82 -24.23
N THR D 129 -21.61 2.28 -23.01
CA THR D 129 -21.01 1.70 -21.82
C THR D 129 -22.05 1.64 -20.71
N ALA D 130 -21.92 0.64 -19.82
CA ALA D 130 -22.86 0.42 -18.74
C ALA D 130 -22.07 0.22 -17.45
N SER D 131 -22.32 1.10 -16.48
CA SER D 131 -21.70 0.98 -15.17
C SER D 131 -22.77 0.60 -14.17
N VAL D 132 -22.52 -0.46 -13.40
CA VAL D 132 -23.39 -0.88 -12.32
C VAL D 132 -22.66 -0.63 -11.01
N VAL D 133 -23.32 0.05 -10.08
CA VAL D 133 -22.70 0.47 -8.83
C VAL D 133 -23.42 -0.19 -7.66
N CYS D 134 -22.63 -0.75 -6.74
CA CYS D 134 -23.12 -1.36 -5.51
C CYS D 134 -22.51 -0.62 -4.33
N LEU D 135 -23.37 -0.16 -3.41
CA LEU D 135 -22.96 0.66 -2.28
C LEU D 135 -23.13 -0.13 -0.98
N LEU D 136 -22.03 -0.28 -0.24
CA LEU D 136 -22.04 -0.83 1.11
C LEU D 136 -21.83 0.35 2.06
N ASN D 137 -22.84 0.67 2.87
CA ASN D 137 -22.82 1.92 3.62
C ASN D 137 -22.68 1.69 5.11
N ASN D 138 -21.73 2.39 5.72
CA ASN D 138 -21.69 2.60 7.17
C ASN D 138 -21.51 1.29 7.95
N PHE D 139 -20.42 0.58 7.64
CA PHE D 139 -20.14 -0.69 8.27
C PHE D 139 -18.82 -0.64 9.05
N TYR D 140 -18.64 -1.63 9.91
CA TYR D 140 -17.45 -1.82 10.73
C TYR D 140 -17.44 -3.27 11.23
N PRO D 141 -16.28 -3.94 11.14
CA PRO D 141 -14.97 -3.42 10.70
C PRO D 141 -14.83 -3.24 9.19
N ARG D 142 -13.62 -2.84 8.78
CA ARG D 142 -13.39 -2.38 7.42
C ARG D 142 -13.52 -3.50 6.38
N GLU D 143 -13.17 -4.73 6.75
CA GLU D 143 -13.12 -5.80 5.77
C GLU D 143 -14.53 -6.17 5.31
N ALA D 144 -14.75 -6.10 4.00
CA ALA D 144 -16.01 -6.50 3.39
C ALA D 144 -15.67 -7.15 2.06
N LYS D 145 -16.61 -7.93 1.53
CA LYS D 145 -16.39 -8.62 0.27
C LYS D 145 -17.59 -8.39 -0.63
N VAL D 146 -17.32 -8.00 -1.87
CA VAL D 146 -18.37 -7.76 -2.86
C VAL D 146 -18.06 -8.63 -4.06
N GLN D 147 -19.05 -9.43 -4.46
CA GLN D 147 -18.96 -10.24 -5.66
C GLN D 147 -20.06 -9.84 -6.61
N TRP D 148 -19.70 -9.65 -7.88
CA TRP D 148 -20.66 -9.36 -8.94
C TRP D 148 -21.04 -10.65 -9.64
N LYS D 149 -22.34 -10.93 -9.71
CA LYS D 149 -22.84 -12.06 -10.46
C LYS D 149 -23.80 -11.54 -11.52
N VAL D 150 -23.58 -11.97 -12.75
CA VAL D 150 -24.37 -11.57 -13.91
C VAL D 150 -24.95 -12.85 -14.50
N ASP D 151 -26.27 -13.04 -14.32
CA ASP D 151 -26.96 -14.29 -14.63
C ASP D 151 -26.34 -15.46 -13.88
N ASN D 152 -25.99 -15.20 -12.62
CA ASN D 152 -25.37 -16.14 -11.68
C ASN D 152 -23.95 -16.52 -12.08
N ALA D 153 -23.35 -15.82 -13.03
CA ALA D 153 -21.98 -16.07 -13.42
C ALA D 153 -21.07 -15.04 -12.75
N LEU D 154 -20.15 -15.52 -11.90
CA LEU D 154 -19.30 -14.63 -11.13
C LEU D 154 -18.34 -13.86 -12.04
N GLN D 155 -18.34 -12.53 -11.88
CA GLN D 155 -17.50 -11.65 -12.67
C GLN D 155 -16.16 -11.45 -11.99
N SER D 156 -15.10 -11.37 -12.79
CA SER D 156 -13.82 -10.90 -12.28
C SER D 156 -13.16 -10.04 -13.35
N GLY D 157 -12.38 -9.06 -12.89
CA GLY D 157 -11.55 -8.26 -13.78
C GLY D 157 -12.21 -7.06 -14.40
N ASN D 158 -13.49 -6.79 -14.09
CA ASN D 158 -14.21 -5.66 -14.65
C ASN D 158 -14.88 -4.82 -13.57
N SER D 159 -14.42 -4.90 -12.33
CA SER D 159 -14.97 -4.08 -11.27
C SER D 159 -13.84 -3.32 -10.57
N GLN D 160 -14.21 -2.24 -9.91
CA GLN D 160 -13.27 -1.46 -9.12
C GLN D 160 -13.95 -1.02 -7.85
N GLU D 161 -13.20 -1.01 -6.75
CA GLU D 161 -13.74 -0.71 -5.44
C GLU D 161 -13.05 0.52 -4.89
N SER D 162 -13.77 1.25 -4.04
CA SER D 162 -13.20 2.36 -3.31
C SER D 162 -13.83 2.36 -1.93
N VAL D 163 -13.01 2.62 -0.91
CA VAL D 163 -13.42 2.61 0.49
C VAL D 163 -13.13 3.99 1.06
N THR D 164 -14.11 4.58 1.75
CA THR D 164 -13.88 5.84 2.43
C THR D 164 -12.99 5.66 3.65
N GLU D 165 -12.41 6.76 4.10
CA GLU D 165 -11.71 6.76 5.37
C GLU D 165 -12.74 6.67 6.50
N GLN D 166 -12.28 6.20 7.67
CA GLN D 166 -13.19 5.99 8.78
C GLN D 166 -13.88 7.30 9.15
N ASP D 167 -15.21 7.24 9.29
CA ASP D 167 -16.00 8.43 9.56
C ASP D 167 -15.84 8.88 11.00
N SER D 168 -15.55 10.16 11.21
CA SER D 168 -15.30 10.65 12.57
C SER D 168 -16.56 10.82 13.41
N LYS D 169 -17.74 10.79 12.80
CA LYS D 169 -18.95 10.88 13.60
C LYS D 169 -19.41 9.52 14.11
N ASP D 170 -19.39 8.49 13.27
CA ASP D 170 -19.94 7.20 13.68
C ASP D 170 -18.95 6.04 13.58
N SER D 171 -17.70 6.31 13.22
CA SER D 171 -16.62 5.32 13.20
C SER D 171 -16.82 4.23 12.14
N THR D 172 -17.63 4.46 11.12
CA THR D 172 -17.87 3.44 10.11
C THR D 172 -17.11 3.73 8.81
N TYR D 173 -17.06 2.73 7.96
CA TYR D 173 -16.55 2.83 6.60
C TYR D 173 -17.70 2.69 5.62
N SER D 174 -17.42 3.03 4.37
CA SER D 174 -18.33 2.82 3.26
C SER D 174 -17.50 2.41 2.05
N LEU D 175 -18.12 1.65 1.15
CA LEU D 175 -17.44 1.08 -0.01
C LEU D 175 -18.36 1.16 -1.22
N SER D 176 -17.77 1.49 -2.36
CA SER D 176 -18.47 1.43 -3.63
C SER D 176 -17.74 0.46 -4.54
N SER D 177 -18.49 -0.46 -5.14
CA SER D 177 -17.99 -1.32 -6.21
C SER D 177 -18.70 -0.93 -7.49
N THR D 178 -17.92 -0.69 -8.54
CA THR D 178 -18.44 -0.30 -9.85
C THR D 178 -18.12 -1.42 -10.83
N LEU D 179 -19.15 -2.02 -11.40
CA LEU D 179 -19.00 -3.01 -12.45
C LEU D 179 -19.25 -2.29 -13.77
N THR D 180 -18.31 -2.43 -14.70
CA THR D 180 -18.40 -1.70 -15.98
C THR D 180 -18.33 -2.69 -17.13
N LEU D 181 -19.34 -2.66 -17.98
CA LEU D 181 -19.40 -3.48 -19.18
C LEU D 181 -19.68 -2.56 -20.36
N SER D 182 -19.28 -2.99 -21.54
CA SER D 182 -19.80 -2.36 -22.75
C SER D 182 -21.31 -2.56 -22.79
N LYS D 183 -22.02 -1.65 -23.45
CA LYS D 183 -23.44 -1.87 -23.61
C LYS D 183 -23.70 -3.21 -24.27
N ALA D 184 -22.85 -3.58 -25.24
CA ALA D 184 -23.03 -4.82 -25.98
C ALA D 184 -23.04 -6.02 -25.03
N ASP D 185 -22.07 -6.10 -24.13
CA ASP D 185 -22.07 -7.20 -23.16
C ASP D 185 -23.20 -7.05 -22.15
N TYR D 186 -23.55 -5.82 -21.82
CA TYR D 186 -24.61 -5.57 -20.84
C TYR D 186 -25.95 -6.11 -21.32
N GLU D 187 -26.24 -5.96 -22.60
CA GLU D 187 -27.52 -6.37 -23.16
C GLU D 187 -27.58 -7.87 -23.46
N LYS D 188 -26.51 -8.62 -23.20
CA LYS D 188 -26.55 -10.07 -23.34
C LYS D 188 -27.11 -10.77 -22.11
N HIS D 189 -27.29 -10.08 -20.99
CA HIS D 189 -27.69 -10.71 -19.75
C HIS D 189 -28.89 -10.00 -19.15
N LYS D 190 -29.54 -10.67 -18.18
CA LYS D 190 -30.72 -10.13 -17.52
C LYS D 190 -30.46 -9.75 -16.08
N VAL D 191 -29.98 -10.67 -15.24
CA VAL D 191 -29.92 -10.48 -13.81
C VAL D 191 -28.55 -9.95 -13.43
N TYR D 192 -28.52 -8.73 -12.87
CA TYR D 192 -27.30 -8.11 -12.35
C TYR D 192 -27.41 -8.07 -10.84
N ALA D 193 -26.43 -8.67 -10.17
CA ALA D 193 -26.53 -8.91 -8.74
C ALA D 193 -25.23 -8.56 -8.04
N CYS D 194 -25.37 -8.07 -6.82
CA CYS D 194 -24.27 -7.69 -5.96
C CYS D 194 -24.37 -8.54 -4.70
N GLU D 195 -23.35 -9.36 -4.42
CA GLU D 195 -23.39 -10.24 -3.25
C GLU D 195 -22.35 -9.78 -2.23
N VAL D 196 -22.81 -9.51 -1.00
CA VAL D 196 -22.01 -8.85 0.02
C VAL D 196 -21.89 -9.78 1.23
N THR D 197 -20.66 -9.94 1.72
CA THR D 197 -20.41 -10.65 2.97
C THR D 197 -19.59 -9.76 3.89
N HIS D 198 -19.93 -9.80 5.17
CA HIS D 198 -19.32 -8.94 6.16
C HIS D 198 -19.49 -9.61 7.51
N GLN D 199 -18.56 -9.32 8.42
CA GLN D 199 -18.64 -9.90 9.76
C GLN D 199 -20.02 -9.71 10.37
N GLY D 200 -20.69 -8.60 10.09
CA GLY D 200 -21.96 -8.33 10.71
C GLY D 200 -23.17 -8.92 10.01
N LEU D 201 -22.97 -9.60 8.88
CA LEU D 201 -24.05 -10.25 8.15
C LEU D 201 -24.02 -11.75 8.43
N SER D 202 -25.09 -12.25 9.07
CA SER D 202 -25.17 -13.68 9.40
C SER D 202 -25.31 -14.57 8.16
N SER D 203 -25.69 -14.01 7.03
CA SER D 203 -25.61 -14.71 5.76
C SER D 203 -25.41 -13.66 4.67
N PRO D 204 -24.88 -14.04 3.51
CA PRO D 204 -24.59 -13.04 2.47
C PRO D 204 -25.85 -12.31 2.06
N VAL D 205 -25.68 -11.06 1.64
CA VAL D 205 -26.77 -10.20 1.20
C VAL D 205 -26.59 -9.94 -0.29
N THR D 206 -27.63 -10.21 -1.07
CA THR D 206 -27.64 -9.99 -2.50
C THR D 206 -28.65 -8.91 -2.84
N LYS D 207 -28.20 -7.88 -3.53
CA LYS D 207 -29.10 -6.94 -4.21
C LYS D 207 -28.97 -7.16 -5.70
N SER D 208 -30.11 -7.23 -6.39
CA SER D 208 -30.13 -7.55 -7.81
C SER D 208 -31.21 -6.74 -8.51
N PHE D 209 -31.13 -6.70 -9.84
CA PHE D 209 -32.21 -6.15 -10.67
C PHE D 209 -32.17 -6.83 -12.03
N ASN D 210 -33.24 -6.64 -12.80
CA ASN D 210 -33.34 -7.19 -14.15
C ASN D 210 -33.22 -6.06 -15.15
N ARG D 211 -32.31 -6.22 -16.11
CA ARG D 211 -32.07 -5.21 -17.13
C ARG D 211 -33.37 -4.81 -17.80
N GLY D 212 -33.73 -3.54 -17.70
CA GLY D 212 -34.90 -3.01 -18.37
C GLY D 212 -36.23 -3.25 -17.65
N GLU D 213 -36.29 -2.89 -16.37
CA GLU D 213 -37.55 -2.97 -15.64
C GLU D 213 -37.70 -1.80 -14.67
OAB MRY E . 27.89 -11.91 8.48
CAA MRY E . 28.44 -11.56 9.73
CAC MRY E . 29.54 -10.50 9.59
OAD MRY E . 29.23 -9.36 10.36
CAE MRY E . 30.91 -11.08 9.99
OAF MRY E . 31.79 -10.04 10.33
CAG MRY E . 30.78 -12.07 11.16
OAH MRY E . 31.46 -13.27 10.90
C1 EDO F . -11.93 -34.09 9.09
O1 EDO F . -10.86 -34.74 9.81
C2 EDO F . -12.46 -35.00 7.97
O2 EDO F . -13.64 -34.41 7.38
OAB MRY G . -33.67 10.84 8.63
CAA MRY G . -32.36 10.34 8.60
CAC MRY G . -32.30 8.84 8.30
OAD MRY G . -33.26 8.46 7.34
CAE MRY G . -30.89 8.46 7.81
OAF MRY G . -30.90 7.13 7.34
CAG MRY G . -30.43 9.40 6.69
OAH MRY G . -29.24 10.06 7.04
C1 EDO H . 10.36 31.91 17.55
O1 EDO H . 11.69 31.48 17.18
C2 EDO H . 9.77 30.97 18.59
O2 EDO H . 8.49 31.43 19.06
C1 EDO I . -5.29 13.70 3.46
O1 EDO I . -6.55 13.24 3.95
C2 EDO I . -5.49 14.77 2.37
O2 EDO I . -6.02 15.99 2.91
#